data_7Q3Y
#
_entry.id   7Q3Y
#
_cell.length_a   1.00
_cell.length_b   1.00
_cell.length_c   1.00
_cell.angle_alpha   90.00
_cell.angle_beta   90.00
_cell.angle_gamma   90.00
#
_symmetry.space_group_name_H-M   'P 1'
#
loop_
_entity.id
_entity.type
_entity.pdbx_description
1 polymer 'Angiotensin-converting enzyme'
2 branched alpha-D-mannopyranose-(1-6)-beta-D-mannopyranose-(1-4)-2-acetamido-2-deoxy-beta-D-glucopyranose-(1-4)-2-acetamido-2-deoxy-beta-D-glucopyranose
3 branched 2-acetamido-2-deoxy-beta-D-glucopyranose-(1-4)-2-acetamido-2-deoxy-beta-D-glucopyranose
4 branched beta-D-mannopyranose-(1-4)-2-acetamido-2-deoxy-beta-D-glucopyranose-(1-4)-2-acetamido-2-deoxy-beta-D-glucopyranose
5 branched alpha-D-mannopyranose-(1-3)-[alpha-D-mannopyranose-(1-6)]beta-D-mannopyranose-(1-4)-2-acetamido-2-deoxy-beta-D-glucopyranose-(1-4)-2-acetamido-2-deoxy-beta-D-glucopyranose
6 branched alpha-D-mannopyranose-(1-3)-[alpha-D-mannopyranose-(1-6)]beta-D-mannopyranose-(1-4)-2-acetamido-2-deoxy-beta-D-glucopyranose-(1-4)-[alpha-L-fucopyranose-(1-6)]2-acetamido-2-deoxy-beta-D-glucopyranose
7 non-polymer 'ZINC ION'
8 non-polymer 'CHLORIDE ION'
9 non-polymer 2-acetamido-2-deoxy-beta-D-glucopyranose
10 water water
#
_entity_poly.entity_id   1
_entity_poly.type   'polypeptide(L)'
_entity_poly.pdbx_seq_one_letter_code
;LDPGLQPGNFSADEAGAQLFAQSYNSSAEQVLFQSVAASWAHDTNITAENARRQEEAALLSQEFAEAWGQKAKELYEPIW
QNFTDPQLRRIIGAVRTLGSANLPLAKRQQYNALLSNMSRIYSTAKVCLPNKTATCWSLDPDLTNILASSRSYAMLLFAW
EGWHNAAGIPLKPLYEDFTALSNEAYKQDGFTDTGAYWRSWYNSPTFEDDLEHLYQQLEPLYLNLHAFVRRALHRRYGDR
YINLRGPIPAHLLGDMWAQSWENIYDMVVPFPDKPNLDVTSTMLQQGWNATHMFRVAEEFFTSLELSPMPPEFWEGSMLE
KPADGREVVCHASAWDFYNRKDFRIKQCTRVTMDQLSTVHHEMGHIQYYLQYKDLPVSLRRGANPGFHEAIGDVLALSVS
TPEHLHKIGLLDRVTNDTESDINYLLKMALEKIAFLPFGYLVDQWRWGVFSGRTPPSRYNFDWWYLRTKYQGICPPVTRN
ETHFDAGAKFHVPNVTPYIRYFVSFVLQFQFHEALCKEAGYEGPLHQCDIYRSTKAGAKLRKVLQAGSSRPWQEVLKDMV
GLDALDAQPLLKYFQLVTQWLQEQNQQNGEVLGWPEYQWHPPLPDNYPEGIDLVTDEAEASKFVEEYDRTSQVVWNEYAE
ANWNYNTNITTETSKILLQKNMQIANHTLKYGTQARKFDVNQLQNTTIKRIIKKVQDLERAALPAQELEEYNKILLDMET
TYSVATVCHPNGSCLQLEPDLTNVMATSRKYEDLLWAWEGWRDKAGRAILQFYPKYVELINQAARLNGYVDAGDSWRSMY
ETPSLEQDLERLFQELQPLYLNLHAYVRRALHRHYGAQHINLEGPIPAHLLGNMWAQTWSNIYDLVVPFPSAPSMDTTEA
MLKQGWTPRRMFKEADDFFTSLGLLPVPPEFWNKSMLEKPTDGREVVCHASAWDFYNGKDFRIKQCTTVNLEDLVVAHHE
MGHIQYFMQYKDLPVALREGANPGFHEAIGDVLALSVSTPKHLHSLNLLSSEGGSDEHDINFLMKMALDKIAFIPFSYLV
DQWRWRVFDGSITKENYNQEWWSLRLKYQGLCPPVPRTQGDFDPGAKFHIPSSVPYIRYFVSFIIQFQFHEALCQAAGHT
GPLHKCDIYQSKEAGQRLATAMKLGFSRPWPEAMQLITGQPNMSASAMLSYFKPLLDWLRTENELHGEKLGWPQYNWTPN
SARSEGPLPDS
;
_entity_poly.pdbx_strand_id   A
#
# COMPACT_ATOMS: atom_id res chain seq x y z
N LEU A 1 41.60 55.44 13.32
CA LEU A 1 41.00 54.56 12.29
C LEU A 1 42.02 54.26 11.20
N ASP A 2 42.33 52.99 11.01
CA ASP A 2 43.36 52.56 10.06
C ASP A 2 43.08 53.08 8.66
N PRO A 3 44.01 53.84 8.05
CA PRO A 3 43.81 54.20 6.65
C PRO A 3 43.68 52.99 5.75
N GLY A 4 44.34 51.89 6.11
CA GLY A 4 44.22 50.66 5.37
C GLY A 4 42.85 50.03 5.45
N LEU A 5 41.95 50.60 6.25
CA LEU A 5 40.60 50.10 6.39
C LEU A 5 39.53 51.09 5.96
N GLN A 6 39.81 52.39 5.98
CA GLN A 6 38.83 53.39 5.59
C GLN A 6 39.25 54.08 4.30
N PRO A 7 38.31 54.33 3.38
CA PRO A 7 38.65 55.08 2.17
C PRO A 7 39.04 56.52 2.47
N GLY A 8 39.78 57.10 1.55
CA GLY A 8 40.20 58.48 1.64
C GLY A 8 39.28 59.42 0.90
N ASN A 9 39.85 60.49 0.36
CA ASN A 9 39.12 61.46 -0.43
C ASN A 9 39.35 61.18 -1.90
N PHE A 10 38.27 61.21 -2.69
CA PHE A 10 38.35 60.95 -4.11
C PHE A 10 37.28 61.76 -4.82
N SER A 11 37.56 62.18 -6.04
CA SER A 11 36.58 62.89 -6.82
C SER A 11 35.58 61.91 -7.43
N ALA A 12 34.47 62.46 -7.93
CA ALA A 12 33.47 61.64 -8.61
C ALA A 12 33.90 61.22 -10.00
N ASP A 13 35.09 61.66 -10.44
CA ASP A 13 35.56 61.35 -11.78
C ASP A 13 35.97 59.90 -11.90
N GLU A 14 36.09 59.44 -13.15
CA GLU A 14 36.57 58.10 -13.40
C GLU A 14 37.98 57.93 -12.84
N ALA A 15 38.81 58.95 -12.99
CA ALA A 15 40.15 58.90 -12.39
C ALA A 15 40.05 58.76 -10.88
N GLY A 16 39.12 59.50 -10.27
CA GLY A 16 38.91 59.34 -8.85
C GLY A 16 38.39 57.96 -8.52
N ALA A 17 37.42 57.49 -9.29
CA ALA A 17 36.90 56.15 -9.10
C ALA A 17 37.99 55.11 -9.33
N GLN A 18 38.84 55.34 -10.33
CA GLN A 18 39.94 54.43 -10.58
C GLN A 18 40.91 54.43 -9.41
N LEU A 19 41.29 55.61 -8.94
CA LEU A 19 42.17 55.70 -7.78
C LEU A 19 41.51 55.06 -6.57
N PHE A 20 40.24 55.36 -6.34
CA PHE A 20 39.52 54.74 -5.23
C PHE A 20 39.52 53.23 -5.38
N ALA A 21 39.14 52.74 -6.56
CA ALA A 21 39.10 51.30 -6.78
C ALA A 21 40.47 50.70 -6.53
N GLN A 22 41.50 51.28 -7.12
CA GLN A 22 42.84 50.77 -6.93
C GLN A 22 43.18 50.73 -5.44
N SER A 23 42.83 51.79 -4.72
CA SER A 23 43.07 51.79 -3.28
C SER A 23 42.22 50.73 -2.60
N TYR A 24 40.98 50.56 -3.05
CA TYR A 24 40.13 49.54 -2.47
C TYR A 24 40.74 48.16 -2.63
N ASN A 25 41.17 47.83 -3.85
CA ASN A 25 41.78 46.53 -4.09
C ASN A 25 42.89 46.21 -3.10
N SER A 26 43.81 47.14 -2.90
CA SER A 26 44.97 46.87 -2.06
C SER A 26 44.54 46.47 -0.65
N SER A 27 43.69 47.28 -0.03
CA SER A 27 43.27 46.97 1.33
C SER A 27 42.30 45.79 1.37
N ALA A 28 41.45 45.67 0.35
CA ALA A 28 40.42 44.64 0.39
C ALA A 28 41.01 43.25 0.52
N GLU A 29 42.00 42.93 -0.31
CA GLU A 29 42.57 41.59 -0.22
C GLU A 29 43.22 41.37 1.12
N GLN A 30 43.79 42.42 1.71
CA GLN A 30 44.34 42.28 3.05
C GLN A 30 43.25 41.88 4.02
N VAL A 31 42.10 42.56 3.95
CA VAL A 31 41.00 42.25 4.86
C VAL A 31 40.48 40.84 4.60
N LEU A 32 40.22 40.52 3.33
CA LEU A 32 39.72 39.19 3.03
C LEU A 32 40.67 38.12 3.54
N PHE A 33 41.96 38.36 3.38
CA PHE A 33 42.95 37.39 3.80
C PHE A 33 42.79 37.07 5.28
N GLN A 34 42.72 38.11 6.10
CA GLN A 34 42.53 37.88 7.53
C GLN A 34 41.26 37.08 7.79
N SER A 35 40.16 37.45 7.13
CA SER A 35 38.90 36.75 7.35
C SER A 35 39.03 35.27 7.00
N VAL A 36 39.53 34.97 5.82
CA VAL A 36 39.60 33.57 5.41
C VAL A 36 40.62 32.82 6.24
N ALA A 37 41.69 33.49 6.68
CA ALA A 37 42.72 32.79 7.44
C ALA A 37 42.13 32.11 8.66
N ALA A 38 41.37 32.85 9.46
CA ALA A 38 40.74 32.24 10.62
C ALA A 38 39.68 31.24 10.16
N SER A 39 38.98 31.56 9.08
CA SER A 39 38.00 30.62 8.55
C SER A 39 38.65 29.29 8.25
N TRP A 40 39.77 29.32 7.54
CA TRP A 40 40.51 28.09 7.25
C TRP A 40 40.94 27.41 8.54
N ALA A 41 41.43 28.19 9.50
CA ALA A 41 41.92 27.61 10.74
C ALA A 41 40.83 26.85 11.48
N HIS A 42 39.68 27.48 11.67
CA HIS A 42 38.60 26.80 12.37
C HIS A 42 38.07 25.63 11.56
N ASP A 43 37.91 25.83 10.26
CA ASP A 43 37.39 24.76 9.42
C ASP A 43 38.35 23.58 9.40
N THR A 44 39.65 23.86 9.44
CA THR A 44 40.67 22.83 9.48
C THR A 44 41.00 22.38 10.89
N ASN A 45 40.57 23.14 11.91
CA ASN A 45 40.86 22.82 13.32
C ASN A 45 39.61 23.25 14.10
N ILE A 46 38.62 22.35 14.11
CA ILE A 46 37.33 22.61 14.73
C ILE A 46 37.51 22.71 16.24
N THR A 47 37.32 23.93 16.77
CA THR A 47 37.32 24.14 18.20
C THR A 47 36.72 25.51 18.47
N ALA A 48 36.11 25.67 19.64
CA ALA A 48 35.50 26.94 19.99
C ALA A 48 36.54 28.05 20.02
N GLU A 49 37.78 27.73 20.34
CA GLU A 49 38.84 28.73 20.34
C GLU A 49 38.97 29.37 18.96
N ASN A 50 39.09 28.54 17.93
CA ASN A 50 39.17 29.08 16.57
C ASN A 50 37.85 29.70 16.14
N ALA A 51 36.73 29.17 16.64
CA ALA A 51 35.44 29.76 16.30
C ALA A 51 35.41 31.23 16.71
N ARG A 52 35.89 31.52 17.92
CA ARG A 52 35.96 32.91 18.37
C ARG A 52 36.77 33.76 17.40
N ARG A 53 37.90 33.25 16.94
CA ARG A 53 38.72 34.01 16.00
C ARG A 53 37.97 34.21 14.69
N GLN A 54 37.36 33.15 14.18
CA GLN A 54 36.59 33.26 12.96
C GLN A 54 35.53 34.34 13.11
N GLU A 55 34.80 34.31 14.21
CA GLU A 55 33.77 35.30 14.46
C GLU A 55 34.36 36.71 14.45
N GLU A 56 35.53 36.87 15.06
CA GLU A 56 36.13 38.20 15.14
C GLU A 56 36.57 38.68 13.78
N ALA A 57 37.23 37.82 13.00
CA ALA A 57 37.71 38.25 11.70
C ALA A 57 36.56 38.60 10.77
N ALA A 58 35.48 37.82 10.81
CA ALA A 58 34.34 38.14 9.97
C ALA A 58 33.76 39.48 10.36
N LEU A 59 33.70 39.76 11.65
CA LEU A 59 33.19 41.05 12.10
C LEU A 59 34.00 42.19 11.52
N LEU A 60 35.32 42.09 11.56
CA LEU A 60 36.17 43.13 11.00
C LEU A 60 35.87 43.34 9.52
N SER A 61 35.70 42.26 8.78
CA SER A 61 35.43 42.38 7.34
C SER A 61 34.22 43.25 7.08
N GLN A 62 33.15 43.06 7.86
CA GLN A 62 31.94 43.82 7.62
C GLN A 62 32.18 45.31 7.80
N GLU A 63 32.90 45.69 8.85
CA GLU A 63 33.18 47.10 9.06
C GLU A 63 33.95 47.67 7.89
N PHE A 64 34.87 46.89 7.34
CA PHE A 64 35.62 47.34 6.17
C PHE A 64 34.68 47.55 5.00
N ALA A 65 33.84 46.56 4.72
CA ALA A 65 32.88 46.71 3.64
C ALA A 65 31.99 47.91 3.87
N GLU A 66 31.61 48.14 5.13
CA GLU A 66 30.75 49.28 5.45
C GLU A 66 31.46 50.61 5.18
N ALA A 67 32.72 50.72 5.60
CA ALA A 67 33.44 51.97 5.42
C ALA A 67 33.56 52.34 3.95
N TRP A 68 34.12 51.42 3.15
CA TRP A 68 34.31 51.70 1.73
C TRP A 68 32.98 51.84 1.02
N GLY A 69 32.06 50.89 1.24
CA GLY A 69 30.75 51.00 0.62
C GLY A 69 30.10 52.33 0.94
N GLN A 70 30.16 52.73 2.20
CA GLN A 70 29.57 54.01 2.60
C GLN A 70 30.05 55.13 1.71
N LYS A 71 31.37 55.28 1.60
CA LYS A 71 31.91 56.35 0.77
C LYS A 71 31.56 56.14 -0.69
N ALA A 72 31.74 54.92 -1.19
CA ALA A 72 31.46 54.64 -2.59
C ALA A 72 30.02 55.00 -2.95
N LYS A 73 29.07 54.50 -2.15
CA LYS A 73 27.67 54.76 -2.44
C LYS A 73 27.40 56.26 -2.47
N GLU A 74 27.94 56.98 -1.50
CA GLU A 74 27.74 58.43 -1.43
C GLU A 74 28.44 59.14 -2.57
N LEU A 75 29.65 58.72 -2.93
CA LEU A 75 30.45 59.47 -3.89
C LEU A 75 29.94 59.30 -5.33
N TYR A 76 29.91 58.08 -5.85
CA TYR A 76 29.70 57.88 -7.28
C TYR A 76 28.30 57.48 -7.69
N GLU A 77 27.48 56.95 -6.78
CA GLU A 77 26.18 56.44 -7.21
C GLU A 77 25.42 57.36 -8.15
N PRO A 78 25.54 58.69 -8.04
CA PRO A 78 24.83 59.55 -8.99
C PRO A 78 25.41 59.52 -10.39
N ILE A 79 26.66 59.08 -10.54
CA ILE A 79 27.35 59.14 -11.82
C ILE A 79 27.87 57.78 -12.28
N TRP A 80 28.05 56.83 -11.34
CA TRP A 80 28.79 55.60 -11.62
C TRP A 80 28.42 54.93 -12.93
N GLN A 81 27.14 54.92 -13.31
CA GLN A 81 26.79 54.20 -14.51
C GLN A 81 27.37 54.82 -15.78
N ASN A 82 27.68 56.11 -15.76
CA ASN A 82 28.25 56.73 -16.95
C ASN A 82 29.73 56.46 -17.16
N PHE A 83 30.47 55.93 -16.18
CA PHE A 83 31.90 55.70 -16.43
C PHE A 83 32.09 54.88 -17.69
N THR A 84 32.99 55.34 -18.55
CA THR A 84 33.23 54.71 -19.84
C THR A 84 33.54 53.23 -19.70
N ASP A 85 34.65 52.91 -19.03
CA ASP A 85 35.08 51.53 -18.94
C ASP A 85 34.13 50.70 -18.09
N PRO A 86 33.52 49.64 -18.64
CA PRO A 86 32.70 48.77 -17.79
C PRO A 86 33.52 48.18 -16.66
N GLN A 87 34.81 47.98 -16.89
CA GLN A 87 35.69 47.47 -15.85
C GLN A 87 35.53 48.26 -14.57
N LEU A 88 35.63 49.57 -14.67
CA LEU A 88 35.46 50.42 -13.50
C LEU A 88 34.06 50.29 -12.94
N ARG A 89 33.05 50.36 -13.82
CA ARG A 89 31.67 50.27 -13.37
C ARG A 89 31.41 48.98 -12.61
N ARG A 90 31.97 47.87 -13.09
CA ARG A 90 31.79 46.60 -12.38
C ARG A 90 32.34 46.71 -10.97
N ILE A 91 33.58 47.19 -10.84
CA ILE A 91 34.18 47.31 -9.52
C ILE A 91 33.32 48.20 -8.63
N ILE A 92 32.99 49.39 -9.12
CA ILE A 92 32.24 50.35 -8.32
C ILE A 92 30.87 49.80 -7.96
N GLY A 93 30.18 49.19 -8.92
CA GLY A 93 28.85 48.68 -8.64
C GLY A 93 28.84 47.69 -7.49
N ALA A 94 29.81 46.78 -7.46
CA ALA A 94 29.86 45.79 -6.41
C ALA A 94 30.04 46.44 -5.04
N VAL A 95 31.03 47.32 -4.92
CA VAL A 95 31.26 47.98 -3.64
C VAL A 95 30.08 48.86 -3.29
N ARG A 96 29.53 49.55 -4.27
CA ARG A 96 28.39 50.41 -4.02
C ARG A 96 27.19 49.66 -3.46
N THR A 97 27.18 48.33 -3.55
CA THR A 97 26.11 47.52 -2.99
C THR A 97 26.34 47.34 -1.50
N LEU A 98 25.56 48.05 -0.68
CA LEU A 98 25.72 47.98 0.76
C LEU A 98 24.90 46.86 1.40
N GLY A 99 23.75 46.54 0.82
CA GLY A 99 22.90 45.51 1.37
C GLY A 99 22.41 45.82 2.77
N SER A 100 22.41 44.79 3.60
CA SER A 100 21.89 44.92 4.97
C SER A 100 22.49 46.11 5.70
N ALA A 101 23.77 46.41 5.46
CA ALA A 101 24.41 47.50 6.17
C ALA A 101 23.61 48.78 6.10
N ASN A 102 22.81 48.95 5.04
CA ASN A 102 21.99 50.14 4.93
C ASN A 102 21.05 50.30 6.12
N LEU A 103 20.58 49.20 6.68
CA LEU A 103 19.64 49.27 7.81
C LEU A 103 20.23 50.03 8.98
N PRO A 104 19.40 50.75 9.73
CA PRO A 104 19.88 51.36 10.97
C PRO A 104 20.32 50.28 11.95
N LEU A 105 21.22 50.64 12.85
CA LEU A 105 21.83 49.66 13.74
C LEU A 105 20.80 48.82 14.46
N ALA A 106 19.70 49.42 14.89
CA ALA A 106 18.67 48.64 15.56
C ALA A 106 18.10 47.59 14.62
N LYS A 107 17.81 47.97 13.38
CA LYS A 107 17.33 47.01 12.40
C LYS A 107 18.44 46.06 12.00
N ARG A 108 19.67 46.55 11.93
CA ARG A 108 20.80 45.70 11.63
C ARG A 108 20.87 44.52 12.59
N GLN A 109 20.85 44.81 13.89
CA GLN A 109 20.87 43.73 14.88
C GLN A 109 19.69 42.81 14.69
N GLN A 110 18.49 43.40 14.56
CA GLN A 110 17.30 42.60 14.35
C GLN A 110 17.47 41.72 13.12
N TYR A 111 17.93 42.33 12.03
CA TYR A 111 18.09 41.58 10.78
C TYR A 111 19.18 40.53 10.92
N ASN A 112 20.32 40.91 11.49
CA ASN A 112 21.44 39.98 11.59
C ASN A 112 21.11 38.85 12.54
N ALA A 113 20.64 39.19 13.74
CA ALA A 113 20.27 38.14 14.68
C ALA A 113 19.15 37.29 14.13
N LEU A 114 18.18 37.92 13.46
CA LEU A 114 17.09 37.16 12.88
C LEU A 114 17.65 36.11 11.93
N LEU A 115 18.55 36.52 11.05
CA LEU A 115 19.17 35.56 10.14
C LEU A 115 19.83 34.45 10.94
N SER A 116 20.50 34.82 12.03
CA SER A 116 21.12 33.79 12.85
C SER A 116 20.07 32.84 13.41
N ASN A 117 18.96 33.38 13.91
CA ASN A 117 17.92 32.50 14.44
C ASN A 117 17.38 31.58 13.36
N MET A 118 17.14 32.12 12.16
CA MET A 118 16.66 31.25 11.10
C MET A 118 17.63 30.10 10.88
N SER A 119 18.92 30.41 10.85
CA SER A 119 19.90 29.35 10.66
C SER A 119 19.88 28.39 11.84
N ARG A 120 19.80 28.92 13.06
CA ARG A 120 19.79 28.06 14.24
C ARG A 120 18.64 27.06 14.17
N ILE A 121 17.43 27.56 13.98
CA ILE A 121 16.24 26.72 14.01
C ILE A 121 16.38 25.56 13.03
N TYR A 122 16.81 25.86 11.81
CA TYR A 122 16.93 24.79 10.82
C TYR A 122 17.87 23.69 11.29
N SER A 123 19.09 24.06 11.70
CA SER A 123 20.04 23.04 12.12
C SER A 123 19.62 22.40 13.43
N THR A 124 18.92 23.14 14.29
CA THR A 124 18.49 22.58 15.56
C THR A 124 17.31 21.63 15.41
N ALA A 125 16.51 21.80 14.35
CA ALA A 125 15.30 21.03 14.14
C ALA A 125 15.51 19.55 14.44
N LYS A 126 14.66 19.01 15.32
CA LYS A 126 14.69 17.63 15.74
C LYS A 126 13.32 17.01 15.52
N VAL A 127 13.31 15.76 15.06
CA VAL A 127 12.08 15.03 14.81
C VAL A 127 12.02 13.85 15.77
N CYS A 128 10.93 13.77 16.53
CA CYS A 128 10.77 12.75 17.57
C CYS A 128 9.49 11.95 17.33
N LEU A 129 9.61 10.64 17.53
CA LEU A 129 8.47 9.74 17.45
C LEU A 129 7.40 10.16 18.46
N PRO A 130 6.11 9.80 18.25
CA PRO A 130 5.07 10.09 19.25
C PRO A 130 5.15 9.15 20.45
N ASN A 131 6.37 9.01 20.98
CA ASN A 131 6.69 8.16 22.10
C ASN A 131 7.80 8.86 22.86
N LYS A 132 7.92 8.58 24.15
CA LYS A 132 8.99 9.20 24.93
C LYS A 132 10.31 8.50 24.60
N THR A 133 10.69 8.63 23.33
CA THR A 133 11.91 8.01 22.84
C THR A 133 13.13 8.60 23.53
N ALA A 134 14.09 7.74 23.82
CA ALA A 134 15.32 8.20 24.48
C ALA A 134 16.06 9.23 23.63
N THR A 135 16.09 9.04 22.32
CA THR A 135 16.80 9.95 21.43
C THR A 135 16.01 10.13 20.14
N CYS A 136 15.95 11.37 19.66
CA CYS A 136 15.26 11.71 18.44
C CYS A 136 16.20 11.63 17.25
N TRP A 137 15.71 12.01 16.08
CA TRP A 137 16.48 12.01 14.85
C TRP A 137 16.74 13.43 14.39
N SER A 138 17.99 13.72 14.04
CA SER A 138 18.36 14.99 13.45
C SER A 138 18.37 14.86 11.93
N LEU A 139 18.45 16.00 11.25
CA LEU A 139 18.38 16.00 9.80
C LEU A 139 19.29 14.94 9.20
N ASP A 140 20.51 14.85 9.69
CA ASP A 140 21.44 13.81 9.27
C ASP A 140 22.28 13.43 10.48
N PRO A 141 22.76 12.19 10.52
CA PRO A 141 22.57 11.13 9.53
C PRO A 141 21.19 10.49 9.57
N ASP A 142 20.58 10.53 10.74
CA ASP A 142 19.39 9.73 11.00
C ASP A 142 18.30 9.98 9.96
N LEU A 143 17.81 11.21 9.88
CA LEU A 143 16.66 11.48 9.02
C LEU A 143 17.00 11.26 7.55
N THR A 144 18.13 11.81 7.09
CA THR A 144 18.50 11.60 5.69
C THR A 144 18.79 10.13 5.43
N ASN A 145 19.50 9.46 6.33
CA ASN A 145 19.80 8.05 6.09
C ASN A 145 18.54 7.22 6.10
N ILE A 146 17.68 7.42 7.10
CA ILE A 146 16.47 6.62 7.19
C ILE A 146 15.57 6.90 6.00
N LEU A 147 15.47 8.17 5.61
CA LEU A 147 14.64 8.51 4.47
C LEU A 147 15.27 8.01 3.18
N ALA A 148 16.58 8.09 3.08
CA ALA A 148 17.25 7.60 1.88
C ALA A 148 17.27 6.08 1.82
N SER A 149 17.28 5.42 2.97
CA SER A 149 17.41 3.96 3.01
C SER A 149 16.09 3.24 3.21
N SER A 150 15.17 3.80 3.99
CA SER A 150 13.90 3.13 4.21
C SER A 150 13.04 3.17 2.96
N ARG A 151 12.20 2.15 2.81
CA ARG A 151 11.29 2.05 1.68
C ARG A 151 9.88 1.70 2.14
N SER A 152 9.58 1.96 3.40
CA SER A 152 8.25 1.75 3.97
C SER A 152 7.49 3.06 3.90
N TYR A 153 6.46 3.09 3.07
CA TYR A 153 5.73 4.33 2.84
C TYR A 153 5.33 4.99 4.15
N ALA A 154 4.74 4.21 5.06
CA ALA A 154 4.32 4.77 6.33
C ALA A 154 5.51 5.34 7.09
N MET A 155 6.60 4.58 7.18
CA MET A 155 7.78 5.08 7.87
C MET A 155 8.32 6.30 7.16
N LEU A 156 8.44 6.20 5.84
CA LEU A 156 8.99 7.30 5.05
C LEU A 156 8.13 8.54 5.20
N LEU A 157 6.81 8.39 5.18
CA LEU A 157 5.94 9.54 5.32
C LEU A 157 6.18 10.24 6.64
N PHE A 158 6.18 9.48 7.74
CA PHE A 158 6.32 10.12 9.05
C PHE A 158 7.59 10.95 9.12
N ALA A 159 8.69 10.43 8.59
CA ALA A 159 9.92 11.19 8.63
C ALA A 159 9.80 12.46 7.80
N TRP A 160 9.16 12.36 6.63
CA TRP A 160 9.05 13.53 5.77
C TRP A 160 8.25 14.63 6.45
N GLU A 161 7.11 14.27 7.04
CA GLU A 161 6.26 15.27 7.66
C GLU A 161 6.91 15.86 8.90
N GLY A 162 7.44 15.00 9.77
CA GLY A 162 8.05 15.51 10.99
C GLY A 162 9.09 16.57 10.70
N TRP A 163 9.94 16.33 9.71
CA TRP A 163 10.94 17.32 9.35
C TRP A 163 10.28 18.61 8.92
N HIS A 164 9.29 18.52 8.04
CA HIS A 164 8.60 19.73 7.62
C HIS A 164 7.87 20.36 8.80
N ASN A 165 7.40 19.56 9.74
CA ASN A 165 6.73 20.15 10.91
C ASN A 165 7.72 20.92 11.75
N ALA A 166 8.81 20.26 12.15
CA ALA A 166 9.77 20.90 13.03
C ALA A 166 10.43 22.09 12.36
N ALA A 167 10.84 21.92 11.10
CA ALA A 167 11.55 22.98 10.42
C ALA A 167 10.63 24.08 9.93
N GLY A 168 9.48 23.72 9.35
CA GLY A 168 8.66 24.73 8.71
C GLY A 168 7.93 25.61 9.70
N ILE A 169 7.19 24.99 10.62
CA ILE A 169 6.30 25.77 11.48
C ILE A 169 7.02 26.92 12.18
N PRO A 170 8.13 26.72 12.87
CA PRO A 170 8.75 27.84 13.59
C PRO A 170 9.36 28.90 12.68
N LEU A 171 9.68 28.58 11.43
CA LEU A 171 10.27 29.58 10.57
C LEU A 171 9.27 30.57 10.01
N LYS A 172 8.04 30.12 9.78
CA LYS A 172 7.04 30.93 9.10
C LYS A 172 6.94 32.35 9.61
N PRO A 173 6.85 32.61 10.91
CA PRO A 173 6.75 34.01 11.33
C PRO A 173 8.02 34.77 11.04
N LEU A 174 9.15 34.14 11.32
CA LEU A 174 10.43 34.82 11.17
C LEU A 174 10.67 35.22 9.73
N TYR A 175 10.46 34.31 8.80
CA TYR A 175 10.79 34.61 7.41
C TYR A 175 10.11 35.87 6.94
N GLU A 176 8.91 36.15 7.45
CA GLU A 176 8.25 37.37 7.01
C GLU A 176 9.07 38.58 7.42
N ASP A 177 9.51 38.62 8.68
CA ASP A 177 10.28 39.76 9.14
C ASP A 177 11.53 39.93 8.31
N PHE A 178 12.15 38.84 7.91
CA PHE A 178 13.31 38.96 7.03
C PHE A 178 12.90 39.59 5.72
N THR A 179 11.74 39.21 5.20
CA THR A 179 11.29 39.76 3.93
C THR A 179 11.21 41.28 4.00
N ALA A 180 10.61 41.79 5.07
CA ALA A 180 10.47 43.23 5.18
C ALA A 180 11.83 43.92 5.22
N LEU A 181 12.71 43.47 6.11
CA LEU A 181 14.00 44.12 6.25
C LEU A 181 14.86 43.90 5.02
N SER A 182 14.84 42.68 4.46
CA SER A 182 15.68 42.41 3.31
C SER A 182 15.33 43.33 2.16
N ASN A 183 14.05 43.37 1.81
CA ASN A 183 13.64 44.28 0.75
C ASN A 183 13.90 45.71 1.16
N GLU A 184 13.64 46.03 2.43
CA GLU A 184 13.88 47.39 2.89
C GLU A 184 15.34 47.79 2.69
N ALA A 185 16.27 46.89 2.99
CA ALA A 185 17.68 47.22 2.84
C ALA A 185 18.03 47.46 1.38
N TYR A 186 17.70 46.50 0.52
CA TYR A 186 18.03 46.65 -0.89
C TYR A 186 17.32 47.84 -1.51
N LYS A 187 16.17 48.24 -0.96
CA LYS A 187 15.52 49.44 -1.47
C LYS A 187 16.48 50.62 -1.40
N GLN A 188 17.24 50.71 -0.31
CA GLN A 188 18.23 51.77 -0.22
C GLN A 188 19.35 51.56 -1.22
N ASP A 189 19.67 50.30 -1.52
CA ASP A 189 20.68 50.04 -2.54
C ASP A 189 20.17 50.38 -3.92
N GLY A 190 18.86 50.26 -4.15
CA GLY A 190 18.29 50.64 -5.44
C GLY A 190 17.59 49.53 -6.19
N PHE A 191 17.39 48.38 -5.55
CA PHE A 191 16.67 47.28 -6.17
C PHE A 191 15.26 47.21 -5.61
N THR A 192 14.30 46.91 -6.48
CA THR A 192 12.90 46.87 -6.07
C THR A 192 12.69 45.94 -4.89
N ASP A 193 13.39 44.82 -4.87
CA ASP A 193 13.24 43.87 -3.78
C ASP A 193 14.39 42.87 -3.88
N THR A 194 14.49 42.05 -2.83
CA THR A 194 15.56 41.06 -2.78
C THR A 194 15.64 40.26 -4.07
N GLY A 195 14.49 39.91 -4.65
CA GLY A 195 14.50 39.15 -5.88
C GLY A 195 15.22 39.89 -6.99
N ALA A 196 14.93 41.17 -7.14
CA ALA A 196 15.60 41.94 -8.17
C ALA A 196 17.11 41.94 -7.97
N TYR A 197 17.56 42.00 -6.73
CA TYR A 197 18.99 42.00 -6.50
C TYR A 197 19.62 40.69 -6.91
N TRP A 198 19.03 39.56 -6.52
CA TRP A 198 19.64 38.28 -6.90
C TRP A 198 19.66 38.12 -8.40
N ARG A 199 18.57 38.49 -9.06
CA ARG A 199 18.53 38.38 -10.50
C ARG A 199 19.50 39.36 -11.15
N SER A 200 19.81 40.45 -10.48
CA SER A 200 20.74 41.42 -11.04
C SER A 200 22.10 40.80 -11.38
N TRP A 201 22.51 39.75 -10.67
CA TRP A 201 23.83 39.20 -10.93
C TRP A 201 24.00 38.72 -12.35
N TYR A 202 22.94 38.28 -13.00
CA TYR A 202 23.09 37.69 -14.32
C TYR A 202 23.06 38.71 -15.44
N ASN A 203 22.89 39.99 -15.13
CA ASN A 203 22.97 41.02 -16.16
C ASN A 203 22.21 40.61 -17.41
N SER A 204 21.00 40.08 -17.23
CA SER A 204 20.15 39.69 -18.36
C SER A 204 18.81 40.38 -18.19
N PRO A 205 18.50 41.36 -19.03
CA PRO A 205 17.22 42.07 -18.87
C PRO A 205 16.02 41.13 -18.92
N THR A 206 16.14 40.00 -19.60
CA THR A 206 15.07 39.03 -19.70
C THR A 206 15.41 37.73 -18.98
N PHE A 207 16.29 37.83 -17.97
CA PHE A 207 16.83 36.63 -17.35
C PHE A 207 15.76 35.60 -17.06
N GLU A 208 14.75 35.98 -16.26
CA GLU A 208 13.73 35.01 -15.89
C GLU A 208 13.00 34.48 -17.12
N ASP A 209 12.80 35.33 -18.11
CA ASP A 209 12.19 34.84 -19.34
C ASP A 209 13.08 33.80 -19.99
N ASP A 210 14.39 34.06 -19.98
CA ASP A 210 15.31 33.11 -20.57
C ASP A 210 15.17 31.74 -19.92
N LEU A 211 15.10 31.71 -18.59
CA LEU A 211 15.07 30.44 -17.89
C LEU A 211 13.83 29.64 -18.24
N GLU A 212 12.67 30.29 -18.30
CA GLU A 212 11.48 29.52 -18.66
C GLU A 212 11.65 28.89 -20.03
N HIS A 213 12.25 29.61 -20.97
CA HIS A 213 12.48 29.04 -22.28
C HIS A 213 13.45 27.88 -22.18
N LEU A 214 14.49 28.02 -21.36
CA LEU A 214 15.39 26.89 -21.13
C LEU A 214 14.61 25.71 -20.57
N TYR A 215 13.83 25.97 -19.53
CA TYR A 215 13.12 24.88 -18.86
C TYR A 215 12.15 24.19 -19.80
N GLN A 216 11.47 24.96 -20.65
CA GLN A 216 10.54 24.35 -21.59
C GLN A 216 11.26 23.43 -22.56
N GLN A 217 12.50 23.76 -22.92
CA GLN A 217 13.24 22.88 -23.80
C GLN A 217 13.71 21.62 -23.08
N LEU A 218 13.95 21.71 -21.78
CA LEU A 218 14.35 20.52 -21.03
C LEU A 218 13.17 19.68 -20.58
N GLU A 219 11.99 20.27 -20.46
CA GLU A 219 10.83 19.50 -20.03
C GLU A 219 10.67 18.20 -20.81
N PRO A 220 10.86 18.17 -22.14
CA PRO A 220 10.72 16.88 -22.82
C PRO A 220 11.61 15.81 -22.23
N LEU A 221 12.82 16.16 -21.84
CA LEU A 221 13.68 15.18 -21.19
C LEU A 221 13.17 14.86 -19.79
N TYR A 222 12.79 15.89 -19.05
CA TYR A 222 12.35 15.66 -17.68
C TYR A 222 11.10 14.80 -17.63
N LEU A 223 10.10 15.12 -18.47
CA LEU A 223 8.87 14.34 -18.44
C LEU A 223 9.13 12.88 -18.73
N ASN A 224 9.97 12.59 -19.72
CA ASN A 224 10.25 11.20 -20.02
C ASN A 224 10.83 10.51 -18.80
N LEU A 225 11.78 11.16 -18.15
CA LEU A 225 12.37 10.56 -16.96
C LEU A 225 11.34 10.47 -15.85
N HIS A 226 10.52 11.50 -15.69
CA HIS A 226 9.52 11.48 -14.64
C HIS A 226 8.57 10.31 -14.82
N ALA A 227 8.11 10.10 -16.05
CA ALA A 227 7.19 9.00 -16.30
C ALA A 227 7.85 7.66 -16.00
N PHE A 228 9.12 7.52 -16.35
CA PHE A 228 9.80 6.25 -16.13
C PHE A 228 9.92 5.94 -14.65
N VAL A 229 10.32 6.92 -13.86
CA VAL A 229 10.40 6.68 -12.41
C VAL A 229 9.01 6.44 -11.85
N ARG A 230 8.02 7.19 -12.35
CA ARG A 230 6.66 7.01 -11.86
C ARG A 230 6.23 5.56 -12.05
N ARG A 231 6.52 5.00 -13.21
CA ARG A 231 6.18 3.61 -13.46
C ARG A 231 6.91 2.71 -12.48
N ALA A 232 8.22 2.91 -12.33
CA ALA A 232 8.98 2.06 -11.42
C ALA A 232 8.46 2.16 -10.00
N LEU A 233 8.17 3.37 -9.54
CA LEU A 233 7.62 3.51 -8.19
C LEU A 233 6.29 2.78 -8.10
N HIS A 234 5.49 2.82 -9.17
CA HIS A 234 4.22 2.10 -9.16
C HIS A 234 4.47 0.60 -9.02
N ARG A 235 5.48 0.08 -9.70
CA ARG A 235 5.80 -1.34 -9.56
C ARG A 235 6.09 -1.68 -8.11
N ARG A 236 6.73 -0.76 -7.39
CA ARG A 236 7.11 -1.03 -6.01
C ARG A 236 5.97 -0.77 -5.02
N TYR A 237 5.29 0.37 -5.13
CA TYR A 237 4.32 0.75 -4.11
C TYR A 237 2.87 0.48 -4.48
N GLY A 238 2.52 0.40 -5.75
CA GLY A 238 1.14 0.10 -6.09
C GLY A 238 0.31 1.34 -6.41
N ASP A 239 -0.77 1.10 -7.14
CA ASP A 239 -1.63 2.19 -7.60
C ASP A 239 -2.21 2.99 -6.45
N ARG A 240 -2.40 2.38 -5.28
CA ARG A 240 -2.95 3.12 -4.15
C ARG A 240 -2.17 4.39 -3.87
N TYR A 241 -0.86 4.38 -4.12
CA TYR A 241 -0.01 5.52 -3.81
C TYR A 241 0.58 6.20 -5.04
N ILE A 242 0.49 5.60 -6.21
CA ILE A 242 1.12 6.14 -7.42
C ILE A 242 0.07 6.20 -8.51
N ASN A 243 -0.44 7.39 -8.79
CA ASN A 243 -1.38 7.58 -9.87
C ASN A 243 -0.58 7.69 -11.16
N LEU A 244 -0.71 6.69 -12.03
CA LEU A 244 0.09 6.70 -13.26
C LEU A 244 -0.06 8.00 -14.03
N ARG A 245 -1.20 8.67 -13.92
CA ARG A 245 -1.38 9.92 -14.63
C ARG A 245 -1.07 11.15 -13.77
N GLY A 246 -1.07 11.02 -12.44
CA GLY A 246 -0.90 12.17 -11.58
C GLY A 246 0.50 12.39 -11.06
N PRO A 247 0.62 13.31 -10.11
CA PRO A 247 1.92 13.60 -9.51
C PRO A 247 2.38 12.51 -8.56
N ILE A 248 3.68 12.49 -8.32
CA ILE A 248 4.33 11.51 -7.46
C ILE A 248 4.38 12.05 -6.04
N PRO A 249 4.12 11.24 -5.03
CA PRO A 249 4.27 11.71 -3.65
C PRO A 249 5.69 12.17 -3.39
N ALA A 250 5.82 13.37 -2.80
CA ALA A 250 7.13 13.97 -2.62
C ALA A 250 8.05 13.13 -1.74
N HIS A 251 7.51 12.37 -0.80
CA HIS A 251 8.35 11.65 0.14
C HIS A 251 8.85 10.32 -0.39
N LEU A 252 8.28 9.83 -1.49
CA LEU A 252 8.69 8.54 -2.04
C LEU A 252 9.88 8.62 -2.97
N LEU A 253 10.38 9.82 -3.29
CA LEU A 253 11.44 9.96 -4.27
C LEU A 253 12.82 9.68 -3.70
N GLY A 254 12.92 9.16 -2.49
CA GLY A 254 14.20 8.77 -1.95
C GLY A 254 14.96 9.82 -1.18
N ASP A 255 14.43 11.04 -1.07
CA ASP A 255 15.18 12.07 -0.35
C ASP A 255 14.23 13.10 0.25
N MET A 256 14.65 13.65 1.39
CA MET A 256 13.83 14.59 2.15
C MET A 256 13.24 15.69 1.29
N TRP A 257 13.98 16.15 0.29
CA TRP A 257 13.52 17.25 -0.54
C TRP A 257 13.19 16.82 -1.95
N ALA A 258 13.29 15.54 -2.25
CA ALA A 258 13.07 15.08 -3.62
C ALA A 258 13.94 15.86 -4.60
N GLN A 259 15.04 16.43 -4.12
CA GLN A 259 15.89 17.19 -5.02
C GLN A 259 16.81 16.29 -5.81
N SER A 260 17.01 15.05 -5.36
CA SER A 260 17.90 14.12 -6.03
C SER A 260 17.27 12.75 -5.96
N TRP A 261 17.19 12.07 -7.11
CA TRP A 261 16.58 10.76 -7.20
C TRP A 261 17.60 9.65 -7.21
N GLU A 262 18.84 9.92 -6.80
CA GLU A 262 19.88 8.91 -6.88
C GLU A 262 19.55 7.67 -6.08
N ASN A 263 18.93 7.83 -4.91
CA ASN A 263 18.73 6.68 -4.04
C ASN A 263 17.74 5.66 -4.57
N ILE A 264 17.01 5.94 -5.64
CA ILE A 264 16.08 4.96 -6.19
C ILE A 264 16.66 4.24 -7.39
N TYR A 265 17.92 4.49 -7.74
CA TYR A 265 18.51 3.86 -8.91
C TYR A 265 18.40 2.34 -8.84
N ASP A 266 18.50 1.77 -7.63
CA ASP A 266 18.40 0.33 -7.47
C ASP A 266 17.10 -0.23 -8.03
N MET A 267 16.04 0.58 -8.07
CA MET A 267 14.76 0.12 -8.56
C MET A 267 14.62 0.25 -10.06
N VAL A 268 15.33 1.19 -10.67
CA VAL A 268 15.13 1.54 -12.07
C VAL A 268 16.27 1.07 -12.97
N VAL A 269 17.40 0.69 -12.39
CA VAL A 269 18.62 0.40 -13.15
C VAL A 269 18.35 -0.39 -14.42
N PRO A 270 18.62 0.15 -15.60
CA PRO A 270 18.55 -0.66 -16.80
C PRO A 270 19.63 -1.72 -16.78
N PHE A 271 19.45 -2.72 -17.62
CA PHE A 271 20.40 -3.82 -17.76
C PHE A 271 21.03 -4.15 -16.41
N PRO A 272 20.22 -4.50 -15.42
CA PRO A 272 20.76 -4.68 -14.06
C PRO A 272 21.95 -5.60 -13.99
N ASP A 273 22.14 -6.43 -15.00
CA ASP A 273 23.18 -7.44 -14.96
C ASP A 273 24.57 -6.86 -15.17
N LYS A 274 24.70 -5.81 -15.95
CA LYS A 274 26.03 -5.25 -16.19
C LYS A 274 26.53 -4.54 -14.93
N PRO A 275 27.68 -4.93 -14.39
CA PRO A 275 28.19 -4.27 -13.18
C PRO A 275 28.79 -2.91 -13.48
N ASN A 276 28.61 -1.98 -12.56
CA ASN A 276 29.23 -0.67 -12.69
C ASN A 276 30.74 -0.80 -12.48
N LEU A 277 31.51 -0.35 -13.46
CA LEU A 277 32.96 -0.45 -13.39
C LEU A 277 33.49 0.47 -12.29
N ASP A 278 33.97 -0.14 -11.21
CA ASP A 278 34.61 0.58 -10.11
C ASP A 278 36.09 0.24 -10.13
N VAL A 279 36.94 1.26 -10.29
CA VAL A 279 38.37 1.00 -10.36
C VAL A 279 39.01 0.99 -8.98
N THR A 280 38.23 1.24 -7.92
CA THR A 280 38.81 1.32 -6.58
C THR A 280 39.64 0.09 -6.27
N SER A 281 39.07 -1.09 -6.51
CA SER A 281 39.78 -2.31 -6.16
C SER A 281 41.12 -2.36 -6.87
N THR A 282 41.17 -1.92 -8.12
CA THR A 282 42.43 -1.88 -8.83
C THR A 282 43.30 -0.75 -8.30
N MET A 283 42.69 0.41 -8.05
CA MET A 283 43.46 1.53 -7.53
C MET A 283 44.21 1.15 -6.26
N LEU A 284 43.57 0.39 -5.39
CA LEU A 284 44.22 -0.05 -4.16
C LEU A 284 45.41 -0.94 -4.47
N GLN A 285 45.22 -1.95 -5.32
CA GLN A 285 46.33 -2.84 -5.66
C GLN A 285 47.44 -2.07 -6.36
N GLN A 286 47.11 -0.96 -7.01
CA GLN A 286 48.12 -0.14 -7.66
C GLN A 286 48.98 0.62 -6.68
N GLY A 287 48.69 0.52 -5.38
CA GLY A 287 49.50 1.21 -4.41
C GLY A 287 49.24 2.69 -4.34
N TRP A 288 48.24 3.19 -5.07
CA TRP A 288 47.94 4.61 -5.05
C TRP A 288 47.55 5.08 -3.66
N ASN A 289 47.84 6.35 -3.39
CA ASN A 289 47.45 6.97 -2.14
C ASN A 289 46.95 8.37 -2.43
N ALA A 290 46.20 8.90 -1.46
CA ALA A 290 45.57 10.20 -1.62
C ALA A 290 46.57 11.23 -2.16
N THR A 291 47.74 11.30 -1.56
CA THR A 291 48.69 12.32 -1.98
C THR A 291 49.01 12.19 -3.45
N HIS A 292 49.27 10.98 -3.92
CA HIS A 292 49.54 10.86 -5.34
C HIS A 292 48.30 11.12 -6.17
N MET A 293 47.11 10.79 -5.66
CA MET A 293 45.90 11.05 -6.43
C MET A 293 45.85 12.48 -6.91
N PHE A 294 46.23 13.42 -6.05
CA PHE A 294 46.21 14.81 -6.47
C PHE A 294 47.27 15.09 -7.52
N ARG A 295 48.48 14.56 -7.37
CA ARG A 295 49.46 14.80 -8.41
C ARG A 295 49.02 14.16 -9.71
N VAL A 296 48.29 13.05 -9.63
CA VAL A 296 47.71 12.50 -10.85
C VAL A 296 46.77 13.53 -11.46
N ALA A 297 45.94 14.14 -10.61
CA ALA A 297 45.03 15.16 -11.09
C ALA A 297 45.79 16.33 -11.69
N GLU A 298 46.87 16.76 -11.05
CA GLU A 298 47.63 17.88 -11.60
C GLU A 298 48.11 17.54 -13.00
N GLU A 299 48.53 16.29 -13.22
CA GLU A 299 49.02 15.92 -14.54
C GLU A 299 47.97 16.18 -15.61
N PHE A 300 46.70 15.98 -15.27
CA PHE A 300 45.63 16.24 -16.23
C PHE A 300 45.66 17.69 -16.69
N PHE A 301 45.76 18.61 -15.74
CA PHE A 301 45.82 20.02 -16.10
C PHE A 301 47.09 20.31 -16.89
N THR A 302 48.21 19.70 -16.53
CA THR A 302 49.42 19.90 -17.33
C THR A 302 49.20 19.39 -18.73
N SER A 303 48.41 18.31 -18.86
CA SER A 303 48.09 17.81 -20.18
C SER A 303 47.29 18.87 -20.94
N LEU A 304 46.59 19.72 -20.20
CA LEU A 304 45.87 20.86 -20.76
C LEU A 304 46.73 22.11 -20.82
N GLU A 305 48.03 21.98 -20.54
CA GLU A 305 48.96 23.12 -20.56
C GLU A 305 48.47 24.28 -19.71
N LEU A 306 47.72 23.98 -18.66
CA LEU A 306 47.33 24.99 -17.70
C LEU A 306 48.40 25.10 -16.62
N SER A 307 48.22 26.06 -15.72
CA SER A 307 49.22 26.29 -14.70
C SER A 307 49.27 25.12 -13.71
N PRO A 308 50.43 24.54 -13.48
CA PRO A 308 50.54 23.51 -12.43
C PRO A 308 50.38 24.12 -11.04
N MET A 309 50.06 23.27 -10.09
CA MET A 309 49.86 23.75 -8.72
C MET A 309 51.13 24.44 -8.21
N PRO A 310 51.00 25.53 -7.48
CA PRO A 310 52.18 26.14 -6.86
C PRO A 310 52.66 25.28 -5.70
N PRO A 311 53.95 25.33 -5.37
CA PRO A 311 54.43 24.55 -4.23
C PRO A 311 53.65 24.86 -2.97
N GLU A 312 53.15 26.08 -2.87
CA GLU A 312 52.31 26.45 -1.74
C GLU A 312 51.17 25.47 -1.58
N PHE A 313 50.67 24.93 -2.68
CA PHE A 313 49.55 24.01 -2.64
C PHE A 313 49.90 22.74 -1.89
N TRP A 314 51.00 22.11 -2.27
CA TRP A 314 51.39 20.87 -1.62
C TRP A 314 51.59 21.09 -0.13
N GLU A 315 52.09 22.28 0.24
CA GLU A 315 52.30 22.60 1.63
C GLU A 315 50.98 22.87 2.35
N GLY A 316 50.15 23.73 1.79
CA GLY A 316 48.94 24.17 2.46
C GLY A 316 47.77 23.19 2.49
N SER A 317 47.47 22.57 1.36
CA SER A 317 46.29 21.72 1.27
C SER A 317 46.23 20.69 2.38
N MET A 318 45.03 20.48 2.89
CA MET A 318 44.77 19.48 3.93
C MET A 318 44.23 18.25 3.22
N LEU A 319 45.15 17.51 2.62
CA LEU A 319 44.78 16.42 1.73
C LEU A 319 44.04 15.30 2.44
N GLU A 320 44.33 15.04 3.70
CA GLU A 320 43.80 13.86 4.37
C GLU A 320 43.22 14.19 5.72
N LYS A 321 42.59 13.16 6.28
CA LYS A 321 42.16 13.16 7.67
C LYS A 321 43.46 13.32 8.46
N PRO A 322 43.69 14.46 9.10
CA PRO A 322 45.02 14.70 9.67
C PRO A 322 45.41 13.64 10.70
N ALA A 323 46.68 13.25 10.65
CA ALA A 323 47.19 12.29 11.62
C ALA A 323 47.12 12.85 13.03
N ASP A 324 47.08 14.17 13.17
CA ASP A 324 46.93 14.79 14.48
C ASP A 324 45.61 14.44 15.15
N GLY A 325 44.65 13.91 14.40
CA GLY A 325 43.37 13.52 14.95
C GLY A 325 42.47 14.67 15.39
N ARG A 326 42.95 15.91 15.37
CA ARG A 326 42.08 17.03 15.70
C ARG A 326 40.88 17.03 14.76
N GLU A 327 39.77 17.59 15.25
CA GLU A 327 38.57 17.62 14.43
C GLU A 327 38.73 18.56 13.25
N VAL A 328 38.07 18.20 12.15
CA VAL A 328 38.15 18.94 10.89
C VAL A 328 36.83 18.78 10.15
N VAL A 329 36.55 19.73 9.27
CA VAL A 329 35.36 19.65 8.42
C VAL A 329 35.71 18.79 7.21
N CYS A 330 35.67 17.47 7.39
CA CYS A 330 36.08 16.53 6.35
C CYS A 330 35.39 16.71 5.00
N HIS A 331 34.20 17.31 4.95
CA HIS A 331 33.60 17.62 3.66
C HIS A 331 34.55 18.35 2.71
N ALA A 332 34.95 17.67 1.64
CA ALA A 332 35.87 18.22 0.65
C ALA A 332 35.46 19.60 0.11
N SER A 333 36.43 20.52 0.12
CA SER A 333 36.22 21.88 -0.37
C SER A 333 37.54 22.43 -0.90
N ALA A 334 37.43 23.39 -1.81
CA ALA A 334 38.56 24.13 -2.37
C ALA A 334 38.57 25.57 -1.87
N TRP A 335 39.67 25.98 -1.25
CA TRP A 335 39.77 27.32 -0.68
C TRP A 335 40.78 28.15 -1.44
N ASP A 336 40.45 29.42 -1.63
CA ASP A 336 41.30 30.40 -2.29
C ASP A 336 41.51 31.58 -1.36
N PHE A 337 42.69 31.71 -0.78
CA PHE A 337 42.98 32.88 0.00
C PHE A 337 43.23 34.00 -0.99
N TYR A 338 42.55 35.12 -0.80
CA TYR A 338 42.76 36.18 -1.77
C TYR A 338 44.21 36.63 -1.80
N ASN A 339 45.04 36.19 -0.87
CA ASN A 339 46.47 36.38 -1.02
C ASN A 339 46.88 35.75 -2.34
N ARG A 340 47.29 36.58 -3.28
CA ARG A 340 47.68 36.08 -4.60
C ARG A 340 48.64 34.92 -4.51
N LYS A 341 49.44 34.84 -3.45
CA LYS A 341 50.48 33.83 -3.32
C LYS A 341 50.01 32.45 -2.84
N ASP A 342 48.74 32.22 -2.52
CA ASP A 342 48.41 30.86 -2.15
C ASP A 342 46.94 30.55 -2.35
N PHE A 343 46.67 29.25 -2.48
CA PHE A 343 45.34 28.69 -2.69
C PHE A 343 45.40 27.29 -2.11
N ARG A 344 44.28 26.80 -1.58
CA ARG A 344 44.35 25.52 -0.89
C ARG A 344 43.11 24.68 -1.14
N ILE A 345 43.31 23.38 -1.10
CA ILE A 345 42.24 22.39 -1.15
C ILE A 345 42.15 21.68 0.18
N LYS A 346 40.93 21.48 0.66
CA LYS A 346 40.67 20.70 1.87
C LYS A 346 39.79 19.54 1.44
N GLN A 347 40.41 18.37 1.33
CA GLN A 347 39.79 17.14 0.85
C GLN A 347 39.49 16.11 1.93
N CYS A 348 40.37 15.88 2.89
CA CYS A 348 40.16 14.77 3.80
C CYS A 348 40.01 13.50 2.97
N THR A 349 40.86 13.40 1.96
CA THR A 349 40.79 12.38 0.92
C THR A 349 40.81 10.95 1.46
N ARG A 350 39.99 10.11 0.83
CA ARG A 350 40.01 8.68 1.07
C ARG A 350 40.00 8.03 -0.30
N VAL A 351 40.72 6.92 -0.44
CA VAL A 351 40.99 6.35 -1.76
C VAL A 351 39.74 5.64 -2.25
N THR A 352 38.96 6.32 -3.08
CA THR A 352 37.82 5.72 -3.77
C THR A 352 37.74 6.34 -5.16
N MET A 353 37.16 5.59 -6.09
CA MET A 353 36.99 6.13 -7.44
C MET A 353 36.20 7.42 -7.41
N ASP A 354 35.15 7.47 -6.58
CA ASP A 354 34.34 8.68 -6.48
C ASP A 354 35.18 9.86 -6.06
N GLN A 355 36.03 9.69 -5.04
CA GLN A 355 36.84 10.81 -4.61
C GLN A 355 37.84 11.21 -5.68
N LEU A 356 38.36 10.23 -6.43
CA LEU A 356 39.27 10.57 -7.51
C LEU A 356 38.60 11.60 -8.42
N SER A 357 37.38 11.32 -8.84
CA SER A 357 36.65 12.30 -9.63
C SER A 357 36.45 13.59 -8.84
N THR A 358 36.04 13.45 -7.57
CA THR A 358 35.86 14.62 -6.72
C THR A 358 37.09 15.50 -6.70
N VAL A 359 38.26 14.89 -6.50
CA VAL A 359 39.48 15.68 -6.47
C VAL A 359 39.64 16.47 -7.76
N HIS A 360 39.41 15.83 -8.90
CA HIS A 360 39.52 16.58 -10.15
C HIS A 360 38.61 17.79 -10.16
N HIS A 361 37.37 17.61 -9.72
CA HIS A 361 36.46 18.75 -9.57
C HIS A 361 37.08 19.89 -8.78
N GLU A 362 37.39 19.64 -7.51
CA GLU A 362 37.99 20.66 -6.67
C GLU A 362 39.21 21.30 -7.30
N MET A 363 40.16 20.50 -7.76
CA MET A 363 41.31 21.07 -8.46
C MET A 363 40.89 22.03 -9.55
N GLY A 364 39.82 21.71 -10.29
CA GLY A 364 39.34 22.65 -11.28
C GLY A 364 39.08 24.04 -10.72
N HIS A 365 38.38 24.13 -9.59
CA HIS A 365 38.31 25.41 -8.90
C HIS A 365 39.68 26.03 -8.72
N ILE A 366 40.63 25.30 -8.15
CA ILE A 366 41.95 25.88 -7.96
C ILE A 366 42.45 26.42 -9.28
N GLN A 367 42.33 25.63 -10.33
CA GLN A 367 42.78 26.11 -11.62
C GLN A 367 42.05 27.39 -12.00
N TYR A 368 40.75 27.45 -11.69
CA TYR A 368 39.99 28.66 -12.05
C TYR A 368 40.53 29.88 -11.33
N TYR A 369 40.74 29.79 -10.01
CA TYR A 369 41.33 30.90 -9.28
C TYR A 369 42.64 31.33 -9.89
N LEU A 370 43.53 30.38 -10.14
CA LEU A 370 44.85 30.73 -10.67
C LEU A 370 44.72 31.54 -11.94
N GLN A 371 43.77 31.20 -12.81
CA GLN A 371 43.70 31.91 -14.08
C GLN A 371 43.25 33.36 -13.93
N TYR A 372 42.37 33.69 -12.99
CA TYR A 372 41.98 35.08 -12.84
C TYR A 372 42.65 35.75 -11.64
N LYS A 373 43.61 35.10 -11.01
CA LYS A 373 44.26 35.70 -9.85
C LYS A 373 44.82 37.07 -10.17
N ASP A 374 45.09 37.36 -11.43
CA ASP A 374 45.66 38.66 -11.80
C ASP A 374 44.64 39.79 -11.74
N LEU A 375 43.36 39.48 -11.83
CA LEU A 375 42.33 40.50 -11.85
C LEU A 375 42.21 41.18 -10.49
N PRO A 376 41.54 42.32 -10.43
CA PRO A 376 41.28 42.94 -9.13
C PRO A 376 40.33 42.11 -8.31
N VAL A 377 40.50 42.21 -6.99
CA VAL A 377 39.76 41.33 -6.08
C VAL A 377 38.28 41.34 -6.37
N SER A 378 37.72 42.52 -6.71
CA SER A 378 36.29 42.58 -6.98
C SER A 378 35.91 41.72 -8.17
N LEU A 379 36.83 41.45 -9.08
CA LEU A 379 36.54 40.66 -10.26
C LEU A 379 37.03 39.24 -10.16
N ARG A 380 37.67 38.87 -9.04
CA ARG A 380 38.22 37.53 -8.90
C ARG A 380 37.13 36.59 -8.40
N ARG A 381 36.16 36.40 -9.29
CA ARG A 381 35.01 35.55 -9.04
C ARG A 381 34.52 35.05 -10.40
N GLY A 382 33.60 34.11 -10.36
CA GLY A 382 33.09 33.58 -11.61
C GLY A 382 32.46 34.66 -12.47
N ALA A 383 32.43 34.39 -13.78
CA ALA A 383 31.79 35.32 -14.69
C ALA A 383 30.39 35.65 -14.22
N ASN A 384 29.69 34.65 -13.71
CA ASN A 384 28.43 34.80 -13.01
C ASN A 384 28.45 33.79 -11.87
N PRO A 385 27.66 34.02 -10.84
CA PRO A 385 27.75 33.15 -9.65
C PRO A 385 27.54 31.68 -9.94
N GLY A 386 26.89 31.31 -11.03
CA GLY A 386 26.76 29.90 -11.35
C GLY A 386 27.92 29.41 -12.19
N PHE A 387 28.62 30.37 -12.79
CA PHE A 387 29.72 30.05 -13.69
C PHE A 387 30.82 29.23 -13.01
N HIS A 388 31.10 29.56 -11.75
CA HIS A 388 32.15 28.87 -11.00
C HIS A 388 32.02 27.34 -11.01
N GLU A 389 30.91 26.84 -10.50
CA GLU A 389 30.69 25.39 -10.44
C GLU A 389 30.81 24.72 -11.80
N ALA A 390 30.27 25.31 -12.85
CA ALA A 390 30.28 24.62 -14.13
C ALA A 390 31.69 24.21 -14.53
N ILE A 391 32.63 25.16 -14.51
CA ILE A 391 34.00 24.82 -14.88
C ILE A 391 34.50 23.60 -14.13
N GLY A 392 34.40 23.63 -12.81
CA GLY A 392 34.76 22.44 -12.04
C GLY A 392 34.08 21.17 -12.51
N ASP A 393 32.77 21.23 -12.79
CA ASP A 393 32.08 20.05 -13.30
C ASP A 393 32.64 19.54 -14.62
N VAL A 394 32.79 20.39 -15.62
CA VAL A 394 33.19 19.85 -16.91
C VAL A 394 34.51 19.11 -16.77
N LEU A 395 35.41 19.62 -15.94
CA LEU A 395 36.63 18.87 -15.72
C LEU A 395 36.30 17.51 -15.13
N ALA A 396 35.37 17.49 -14.17
CA ALA A 396 34.95 16.25 -13.53
C ALA A 396 34.37 15.23 -14.52
N LEU A 397 33.60 15.69 -15.51
CA LEU A 397 33.01 14.74 -16.44
C LEU A 397 34.08 13.98 -17.23
N SER A 398 35.00 14.71 -17.84
CA SER A 398 35.96 14.06 -18.73
C SER A 398 36.68 12.90 -18.03
N VAL A 399 37.17 13.13 -16.81
CA VAL A 399 37.98 12.09 -16.18
C VAL A 399 37.13 10.87 -15.83
N SER A 400 35.84 11.08 -15.54
CA SER A 400 35.02 9.95 -15.15
C SER A 400 34.90 8.90 -16.24
N THR A 401 35.25 9.25 -17.47
CA THR A 401 35.05 8.32 -18.57
C THR A 401 36.03 7.15 -18.46
N PRO A 402 35.57 5.93 -18.73
CA PRO A 402 36.52 4.81 -18.72
C PRO A 402 37.64 4.98 -19.73
N GLU A 403 37.37 5.68 -20.83
CA GLU A 403 38.42 5.96 -21.79
C GLU A 403 39.57 6.68 -21.11
N HIS A 404 39.24 7.69 -20.31
CA HIS A 404 40.24 8.43 -19.58
C HIS A 404 40.93 7.54 -18.56
N LEU A 405 40.14 6.74 -17.85
CA LEU A 405 40.70 5.81 -16.88
C LEU A 405 41.71 4.87 -17.54
N HIS A 406 41.39 4.39 -18.74
CA HIS A 406 42.34 3.56 -19.46
C HIS A 406 43.60 4.34 -19.80
N LYS A 407 43.44 5.59 -20.23
CA LYS A 407 44.61 6.40 -20.54
C LYS A 407 45.47 6.58 -19.30
N ILE A 408 44.84 6.71 -18.15
CA ILE A 408 45.60 6.80 -16.91
C ILE A 408 46.27 5.47 -16.62
N GLY A 409 45.65 4.37 -17.03
CA GLY A 409 46.18 3.04 -16.80
C GLY A 409 45.38 2.23 -15.82
N LEU A 410 44.32 2.79 -15.24
CA LEU A 410 43.51 2.08 -14.27
C LEU A 410 42.56 1.08 -14.92
N LEU A 411 42.68 0.87 -16.23
CA LEU A 411 41.79 -0.06 -16.92
C LEU A 411 42.54 -0.71 -18.06
N ASP A 412 42.43 -2.03 -18.16
CA ASP A 412 43.14 -2.76 -19.20
C ASP A 412 42.46 -2.61 -20.55
N ARG A 413 41.13 -2.68 -20.61
CA ARG A 413 40.43 -2.53 -21.87
C ARG A 413 39.17 -1.70 -21.69
N VAL A 414 38.91 -0.84 -22.67
CA VAL A 414 37.76 0.07 -22.64
C VAL A 414 36.61 -0.65 -23.36
N THR A 415 35.92 -1.49 -22.61
CA THR A 415 34.80 -2.24 -23.17
C THR A 415 33.69 -1.26 -23.57
N ASN A 416 33.47 -1.13 -24.88
CA ASN A 416 32.51 -0.17 -25.44
C ASN A 416 31.11 -0.79 -25.45
N ASP A 417 30.56 -0.96 -24.26
CA ASP A 417 29.26 -1.58 -24.06
C ASP A 417 28.19 -0.53 -23.83
N THR A 418 27.18 -0.49 -24.70
CA THR A 418 26.11 0.47 -24.55
C THR A 418 25.30 0.22 -23.28
N GLU A 419 25.17 -1.04 -22.87
CA GLU A 419 24.45 -1.31 -21.64
C GLU A 419 25.17 -0.71 -20.45
N SER A 420 26.49 -0.71 -20.48
CA SER A 420 27.25 -0.17 -19.36
C SER A 420 27.06 1.34 -19.25
N ASP A 421 27.25 2.04 -20.37
CA ASP A 421 27.16 3.49 -20.31
C ASP A 421 25.72 3.94 -20.10
N ILE A 422 24.76 3.23 -20.67
CA ILE A 422 23.37 3.60 -20.40
C ILE A 422 23.09 3.47 -18.91
N ASN A 423 23.53 2.37 -18.31
CA ASN A 423 23.38 2.24 -16.87
C ASN A 423 24.04 3.41 -16.16
N TYR A 424 25.26 3.76 -16.59
CA TYR A 424 25.95 4.88 -15.98
C TYR A 424 25.20 6.17 -16.21
N LEU A 425 24.89 6.47 -17.47
CA LEU A 425 24.22 7.73 -17.76
C LEU A 425 22.91 7.84 -17.02
N LEU A 426 22.19 6.72 -16.87
CA LEU A 426 20.93 6.82 -16.13
C LEU A 426 21.20 7.17 -14.68
N LYS A 427 22.24 6.61 -14.08
CA LYS A 427 22.55 7.00 -12.71
C LYS A 427 22.79 8.49 -12.62
N MET A 428 23.59 9.03 -13.54
CA MET A 428 23.80 10.46 -13.52
C MET A 428 22.49 11.18 -13.75
N ALA A 429 21.64 10.62 -14.59
CA ALA A 429 20.36 11.27 -14.84
C ALA A 429 19.56 11.38 -13.55
N LEU A 430 19.51 10.31 -12.75
CA LEU A 430 18.80 10.37 -11.48
C LEU A 430 19.50 11.31 -10.51
N GLU A 431 20.81 11.46 -10.62
CA GLU A 431 21.52 12.31 -9.67
C GLU A 431 21.23 13.77 -9.92
N LYS A 432 21.34 14.24 -11.16
CA LYS A 432 21.21 15.66 -11.41
C LYS A 432 20.05 16.09 -12.30
N ILE A 433 19.59 15.30 -13.28
CA ILE A 433 18.51 15.85 -14.10
C ILE A 433 17.27 16.06 -13.25
N ALA A 434 17.00 15.14 -12.33
CA ALA A 434 15.89 15.33 -11.43
C ALA A 434 15.99 16.64 -10.66
N PHE A 435 17.20 17.16 -10.51
CA PHE A 435 17.41 18.37 -9.74
C PHE A 435 16.96 19.63 -10.47
N LEU A 436 17.02 19.64 -11.80
CA LEU A 436 16.80 20.86 -12.57
C LEU A 436 15.52 21.60 -12.20
N PRO A 437 14.36 20.98 -12.28
CA PRO A 437 13.15 21.73 -11.91
C PRO A 437 13.17 22.23 -10.49
N PHE A 438 13.70 21.43 -9.56
CA PHE A 438 13.70 21.85 -8.17
C PHE A 438 14.50 23.12 -7.99
N GLY A 439 15.74 23.13 -8.47
CA GLY A 439 16.56 24.30 -8.35
C GLY A 439 15.93 25.52 -8.99
N TYR A 440 15.14 25.31 -10.03
CA TYR A 440 14.53 26.46 -10.69
C TYR A 440 13.35 27.01 -9.90
N LEU A 441 12.49 26.15 -9.37
CA LEU A 441 11.27 26.65 -8.77
C LEU A 441 11.50 27.33 -7.43
N VAL A 442 12.48 26.89 -6.65
CA VAL A 442 12.69 27.51 -5.35
C VAL A 442 12.99 29.00 -5.52
N ASP A 443 13.93 29.34 -6.40
CA ASP A 443 14.18 30.75 -6.61
C ASP A 443 13.05 31.38 -7.39
N GLN A 444 12.31 30.59 -8.15
CA GLN A 444 11.10 31.10 -8.79
C GLN A 444 10.12 31.52 -7.72
N TRP A 445 10.00 30.70 -6.68
CA TRP A 445 9.12 30.96 -5.56
C TRP A 445 9.58 32.19 -4.78
N ARG A 446 10.87 32.28 -4.49
CA ARG A 446 11.36 33.40 -3.68
C ARG A 446 11.12 34.74 -4.36
N TRP A 447 11.38 34.84 -5.66
CA TRP A 447 11.12 36.09 -6.34
C TRP A 447 9.66 36.46 -6.15
N GLY A 448 8.78 35.47 -6.19
CA GLY A 448 7.39 35.77 -5.94
C GLY A 448 7.21 36.35 -4.55
N VAL A 449 7.93 35.79 -3.58
CA VAL A 449 7.84 36.31 -2.22
C VAL A 449 8.38 37.73 -2.16
N PHE A 450 9.63 37.92 -2.60
CA PHE A 450 10.22 39.24 -2.50
C PHE A 450 9.48 40.26 -3.34
N SER A 451 8.90 39.83 -4.46
CA SER A 451 8.15 40.74 -5.29
C SER A 451 6.77 41.03 -4.72
N GLY A 452 6.32 40.20 -3.79
CA GLY A 452 4.97 40.32 -3.27
C GLY A 452 3.91 39.62 -4.08
N ARG A 453 4.27 39.01 -5.23
CA ARG A 453 3.28 38.25 -5.97
C ARG A 453 2.71 37.13 -5.11
N THR A 454 3.47 36.65 -4.13
CA THR A 454 3.00 35.65 -3.17
C THR A 454 2.89 36.32 -1.80
N PRO A 455 1.75 36.91 -1.47
CA PRO A 455 1.59 37.52 -0.16
C PRO A 455 1.66 36.48 0.95
N PRO A 456 1.78 36.92 2.20
CA PRO A 456 2.04 35.96 3.29
C PRO A 456 1.07 34.82 3.35
N SER A 457 -0.20 35.10 3.10
CA SER A 457 -1.23 34.06 3.14
C SER A 457 -1.05 33.00 2.08
N ARG A 458 0.00 33.07 1.25
CA ARG A 458 0.20 32.10 0.19
C ARG A 458 1.54 31.38 0.27
N TYR A 459 2.34 31.59 1.32
CA TYR A 459 3.67 30.99 1.34
C TYR A 459 3.61 29.51 1.02
N ASN A 460 2.66 28.79 1.59
CA ASN A 460 2.59 27.37 1.32
C ASN A 460 1.77 27.08 0.10
N PHE A 461 0.72 27.86 -0.14
CA PHE A 461 -0.11 27.63 -1.32
C PHE A 461 0.70 27.73 -2.59
N ASP A 462 1.47 28.80 -2.74
CA ASP A 462 2.24 28.94 -3.96
C ASP A 462 3.38 27.95 -4.01
N TRP A 463 3.93 27.60 -2.85
CA TRP A 463 5.02 26.65 -2.81
C TRP A 463 4.61 25.31 -3.41
N TRP A 464 3.53 24.73 -2.89
CA TRP A 464 3.11 23.44 -3.43
C TRP A 464 2.61 23.59 -4.85
N TYR A 465 1.91 24.68 -5.14
CA TYR A 465 1.47 24.89 -6.51
C TYR A 465 2.67 24.91 -7.44
N LEU A 466 3.67 25.73 -7.11
CA LEU A 466 4.85 25.78 -7.97
C LEU A 466 5.57 24.45 -7.97
N ARG A 467 5.75 23.85 -6.80
CA ARG A 467 6.46 22.59 -6.72
C ARG A 467 5.73 21.53 -7.53
N THR A 468 4.40 21.54 -7.51
CA THR A 468 3.66 20.60 -8.32
C THR A 468 3.72 20.96 -9.79
N LYS A 469 3.49 22.24 -10.12
CA LYS A 469 3.44 22.62 -11.53
C LYS A 469 4.73 22.28 -12.26
N TYR A 470 5.88 22.56 -11.67
CA TYR A 470 7.11 22.33 -12.39
C TYR A 470 7.73 20.96 -12.14
N GLN A 471 7.88 20.58 -10.88
CA GLN A 471 8.55 19.33 -10.58
C GLN A 471 7.64 18.12 -10.71
N GLY A 472 6.33 18.33 -10.72
CA GLY A 472 5.43 17.19 -10.86
C GLY A 472 5.29 16.41 -9.58
N ILE A 473 5.27 17.09 -8.44
CA ILE A 473 5.18 16.44 -7.15
C ILE A 473 4.05 17.08 -6.37
N CYS A 474 3.41 16.29 -5.53
CA CYS A 474 2.39 16.77 -4.60
C CYS A 474 2.75 16.28 -3.21
N PRO A 475 2.19 16.88 -2.18
CA PRO A 475 2.61 16.54 -0.82
C PRO A 475 2.13 15.16 -0.42
N PRO A 476 2.81 14.54 0.55
CA PRO A 476 2.33 13.24 1.06
C PRO A 476 1.11 13.37 1.92
N VAL A 477 0.80 14.58 2.36
CA VAL A 477 -0.34 14.86 3.21
C VAL A 477 -0.90 16.20 2.78
N THR A 478 -2.20 16.37 2.93
CA THR A 478 -2.76 17.68 2.62
C THR A 478 -2.17 18.68 3.59
N ARG A 479 -1.61 19.76 3.06
CA ARG A 479 -1.01 20.79 3.88
C ARG A 479 -1.64 22.12 3.55
N ASN A 480 -1.83 22.93 4.59
CA ASN A 480 -2.58 24.18 4.54
C ASN A 480 -1.75 25.36 5.05
N GLU A 481 -2.38 26.53 4.98
CA GLU A 481 -1.73 27.81 5.25
C GLU A 481 -1.05 27.88 6.60
N THR A 482 -1.25 26.88 7.46
CA THR A 482 -0.54 26.88 8.73
C THR A 482 0.92 26.54 8.53
N HIS A 483 1.23 25.80 7.47
CA HIS A 483 2.57 25.33 7.21
C HIS A 483 3.40 26.35 6.44
N PHE A 484 4.69 26.06 6.34
CA PHE A 484 5.67 26.88 5.65
C PHE A 484 6.78 25.95 5.16
N ASP A 485 6.38 24.94 4.41
CA ASP A 485 7.31 23.91 3.94
C ASP A 485 8.52 24.48 3.23
N ALA A 486 8.47 25.72 2.77
CA ALA A 486 9.67 26.29 2.16
C ALA A 486 10.83 26.25 3.14
N GLY A 487 10.55 26.48 4.42
CA GLY A 487 11.59 26.41 5.42
C GLY A 487 12.25 25.05 5.54
N ALA A 488 11.72 24.04 4.87
CA ALA A 488 12.26 22.71 4.98
C ALA A 488 13.53 22.50 4.18
N LYS A 489 13.91 23.40 3.29
CA LYS A 489 15.12 23.23 2.52
C LYS A 489 16.23 24.14 3.02
N PHE A 490 17.41 23.55 3.28
CA PHE A 490 18.54 24.29 3.83
C PHE A 490 18.72 25.68 3.24
N HIS A 491 18.67 25.79 1.91
CA HIS A 491 18.93 27.06 1.26
C HIS A 491 17.94 28.16 1.61
N VAL A 492 16.74 27.82 2.05
CA VAL A 492 15.76 28.86 2.32
C VAL A 492 16.13 29.59 3.61
N PRO A 493 16.08 28.93 4.78
CA PRO A 493 16.36 29.67 6.00
C PRO A 493 17.77 30.19 6.07
N ASN A 494 18.69 29.63 5.29
CA ASN A 494 20.03 30.17 5.19
C ASN A 494 20.12 31.24 4.11
N VAL A 495 19.01 31.55 3.45
CA VAL A 495 18.98 32.62 2.48
C VAL A 495 20.17 32.53 1.56
N THR A 496 20.29 31.41 0.86
CA THR A 496 21.30 31.23 -0.16
C THR A 496 20.59 30.92 -1.47
N PRO A 497 20.86 31.62 -2.54
CA PRO A 497 20.10 31.41 -3.77
C PRO A 497 20.32 30.00 -4.26
N TYR A 498 19.34 29.52 -5.02
CA TYR A 498 19.46 28.23 -5.67
C TYR A 498 19.72 28.31 -7.15
N ILE A 499 19.33 29.41 -7.79
CA ILE A 499 19.42 29.49 -9.24
C ILE A 499 20.83 29.24 -9.74
N ARG A 500 21.86 29.59 -8.96
CA ARG A 500 23.21 29.39 -9.45
C ARG A 500 23.45 27.97 -9.93
N TYR A 501 22.96 26.99 -9.17
CA TYR A 501 23.17 25.60 -9.56
C TYR A 501 22.47 25.26 -10.87
N PHE A 502 21.20 25.65 -11.01
CA PHE A 502 20.52 25.29 -12.24
C PHE A 502 21.23 25.87 -13.45
N VAL A 503 21.58 27.14 -13.41
CA VAL A 503 22.31 27.71 -14.54
C VAL A 503 23.65 27.01 -14.69
N SER A 504 24.31 26.72 -13.57
CA SER A 504 25.61 26.06 -13.66
C SER A 504 25.48 24.72 -14.38
N PHE A 505 24.40 23.99 -14.11
CA PHE A 505 24.24 22.69 -14.73
C PHE A 505 24.13 22.78 -16.25
N VAL A 506 23.40 23.77 -16.76
CA VAL A 506 23.33 23.91 -18.21
C VAL A 506 24.68 24.34 -18.77
N LEU A 507 25.37 25.25 -18.09
CA LEU A 507 26.67 25.68 -18.61
C LEU A 507 27.64 24.53 -18.64
N GLN A 508 27.52 23.60 -17.70
CA GLN A 508 28.42 22.47 -17.68
C GLN A 508 28.41 21.75 -19.01
N PHE A 509 27.23 21.32 -19.44
CA PHE A 509 27.19 20.60 -20.69
C PHE A 509 27.43 21.53 -21.86
N GLN A 510 27.04 22.80 -21.72
CA GLN A 510 27.32 23.73 -22.80
C GLN A 510 28.82 23.87 -23.01
N PHE A 511 29.59 23.97 -21.93
CA PHE A 511 31.03 24.05 -22.10
C PHE A 511 31.57 22.74 -22.67
N HIS A 512 31.11 21.63 -22.11
CA HIS A 512 31.64 20.33 -22.48
C HIS A 512 31.51 20.09 -23.98
N GLU A 513 30.34 20.38 -24.53
CA GLU A 513 30.18 20.17 -25.95
C GLU A 513 31.18 21.00 -26.74
N ALA A 514 31.45 22.22 -26.28
CA ALA A 514 32.37 23.08 -26.99
C ALA A 514 33.78 22.52 -27.00
N LEU A 515 34.28 22.12 -25.84
CA LEU A 515 35.65 21.59 -25.81
C LEU A 515 35.76 20.34 -26.65
N CYS A 516 34.75 19.47 -26.58
CA CYS A 516 34.78 18.26 -27.41
C CYS A 516 34.83 18.65 -28.87
N LYS A 517 33.98 19.59 -29.28
CA LYS A 517 34.06 20.08 -30.64
C LYS A 517 35.42 20.69 -30.90
N GLU A 518 35.99 21.36 -29.90
CA GLU A 518 37.32 21.94 -30.06
C GLU A 518 38.41 20.87 -30.08
N ALA A 519 38.25 19.81 -29.31
CA ALA A 519 39.24 18.75 -29.25
C ALA A 519 39.25 17.86 -30.48
N GLY A 520 38.51 18.20 -31.53
CA GLY A 520 38.43 17.36 -32.69
C GLY A 520 37.77 16.01 -32.46
N TYR A 521 37.29 15.77 -31.24
CA TYR A 521 36.64 14.52 -30.92
C TYR A 521 35.37 14.34 -31.76
N GLU A 522 34.90 13.10 -31.86
CA GLU A 522 33.74 12.79 -32.66
C GLU A 522 32.91 11.73 -31.96
N GLY A 523 31.71 11.50 -32.51
CA GLY A 523 30.84 10.47 -32.00
C GLY A 523 30.20 10.78 -30.66
N PRO A 524 30.01 9.76 -29.83
CA PRO A 524 29.27 9.95 -28.58
C PRO A 524 29.94 10.99 -27.69
N LEU A 525 29.16 12.01 -27.34
CA LEU A 525 29.70 13.09 -26.52
C LEU A 525 30.04 12.59 -25.12
N HIS A 526 29.25 11.67 -24.59
CA HIS A 526 29.53 11.14 -23.26
C HIS A 526 30.78 10.27 -23.25
N GLN A 527 31.35 10.00 -24.42
CA GLN A 527 32.60 9.27 -24.53
C GLN A 527 33.77 10.21 -24.80
N CYS A 528 33.51 11.50 -24.82
CA CYS A 528 34.51 12.51 -25.06
C CYS A 528 35.40 12.74 -23.85
N ASP A 529 36.66 13.03 -24.12
CA ASP A 529 37.60 13.49 -23.10
C ASP A 529 38.42 14.62 -23.70
N ILE A 530 38.80 15.57 -22.85
CA ILE A 530 39.63 16.68 -23.30
C ILE A 530 41.09 16.45 -22.98
N TYR A 531 41.41 15.34 -22.33
CA TYR A 531 42.78 15.05 -21.94
C TYR A 531 43.73 15.19 -23.11
N ARG A 532 44.92 15.74 -22.82
CA ARG A 532 45.97 15.94 -23.82
C ARG A 532 45.61 16.89 -24.97
N SER A 533 44.43 17.50 -24.96
CA SER A 533 44.06 18.40 -26.05
C SER A 533 44.47 19.82 -25.67
N THR A 534 45.68 20.21 -26.06
CA THR A 534 46.15 21.55 -25.74
C THR A 534 45.35 22.62 -26.44
N LYS A 535 44.87 22.36 -27.66
CA LYS A 535 44.09 23.37 -28.36
C LYS A 535 42.81 23.68 -27.61
N ALA A 536 42.19 22.65 -27.04
CA ALA A 536 40.99 22.90 -26.24
C ALA A 536 41.36 23.58 -24.92
N GLY A 537 42.47 23.19 -24.32
CA GLY A 537 42.89 23.83 -23.09
C GLY A 537 43.01 25.33 -23.25
N ALA A 538 43.58 25.77 -24.37
CA ALA A 538 43.69 27.21 -24.60
C ALA A 538 42.33 27.85 -24.66
N LYS A 539 41.36 27.20 -25.30
CA LYS A 539 40.02 27.75 -25.34
C LYS A 539 39.44 27.81 -23.93
N LEU A 540 39.59 26.73 -23.17
CA LEU A 540 39.13 26.75 -21.79
C LEU A 540 39.83 27.86 -21.01
N ARG A 541 41.16 27.93 -21.14
CA ARG A 541 41.90 28.95 -20.42
C ARG A 541 41.34 30.33 -20.71
N LYS A 542 41.02 30.59 -21.97
CA LYS A 542 40.46 31.90 -22.35
C LYS A 542 39.26 32.23 -21.49
N VAL A 543 38.35 31.27 -21.32
CA VAL A 543 37.15 31.53 -20.54
C VAL A 543 37.51 31.83 -19.09
N LEU A 544 38.46 31.09 -18.54
CA LEU A 544 38.85 31.33 -17.16
C LEU A 544 39.54 32.67 -17.02
N GLN A 545 40.46 32.98 -17.94
CA GLN A 545 41.28 34.17 -17.83
C GLN A 545 40.45 35.43 -17.65
N ALA A 546 39.29 35.50 -18.29
CA ALA A 546 38.48 36.71 -18.20
C ALA A 546 37.84 36.90 -16.83
N GLY A 547 37.72 35.84 -16.04
CA GLY A 547 37.10 35.99 -14.74
C GLY A 547 35.76 36.69 -14.81
N SER A 548 35.58 37.69 -13.96
CA SER A 548 34.36 38.49 -13.93
C SER A 548 34.51 39.84 -14.60
N SER A 549 35.60 40.07 -15.33
CA SER A 549 35.75 41.35 -15.98
C SER A 549 34.74 41.52 -17.10
N ARG A 550 34.67 40.56 -17.99
CA ARG A 550 33.76 40.59 -19.11
C ARG A 550 32.43 39.98 -18.73
N PRO A 551 31.31 40.52 -19.19
CA PRO A 551 30.01 39.93 -18.87
C PRO A 551 29.95 38.48 -19.33
N TRP A 552 29.41 37.63 -18.46
CA TRP A 552 29.37 36.20 -18.72
C TRP A 552 28.89 35.90 -20.12
N GLN A 553 27.82 36.57 -20.55
CA GLN A 553 27.26 36.25 -21.86
C GLN A 553 28.27 36.54 -22.95
N GLU A 554 29.02 37.63 -22.81
CA GLU A 554 30.02 37.94 -23.82
C GLU A 554 31.06 36.83 -23.90
N VAL A 555 31.53 36.36 -22.75
CA VAL A 555 32.51 35.30 -22.74
C VAL A 555 31.93 34.04 -23.33
N LEU A 556 30.71 33.69 -22.93
CA LEU A 556 30.10 32.47 -23.43
C LEU A 556 30.03 32.47 -24.95
N LYS A 557 29.67 33.61 -25.54
CA LYS A 557 29.61 33.67 -27.00
C LYS A 557 30.95 33.38 -27.62
N ASP A 558 32.03 33.82 -26.99
CA ASP A 558 33.36 33.54 -27.52
C ASP A 558 33.73 32.07 -27.37
N MET A 559 33.30 31.46 -26.27
CA MET A 559 33.64 30.07 -26.02
C MET A 559 32.86 29.11 -26.90
N VAL A 560 31.55 29.04 -26.69
CA VAL A 560 30.73 28.09 -27.43
C VAL A 560 30.19 28.67 -28.72
N GLY A 561 30.05 29.99 -28.80
CA GLY A 561 29.53 30.64 -29.99
C GLY A 561 28.15 31.23 -29.84
N LEU A 562 27.48 31.05 -28.70
CA LEU A 562 26.13 31.54 -28.49
C LEU A 562 26.08 32.55 -27.37
N ASP A 563 25.45 33.68 -27.63
CA ASP A 563 25.26 34.75 -26.66
C ASP A 563 24.34 34.35 -25.51
N ALA A 564 23.88 33.12 -25.37
CA ALA A 564 22.95 32.81 -24.30
C ALA A 564 22.95 31.31 -24.03
N LEU A 565 22.35 30.97 -22.89
CA LEU A 565 22.21 29.58 -22.51
C LEU A 565 21.36 28.83 -23.52
N ASP A 566 21.62 27.54 -23.66
CA ASP A 566 20.80 26.69 -24.51
C ASP A 566 20.85 25.25 -24.03
N ALA A 567 19.74 24.56 -24.24
CA ALA A 567 19.61 23.18 -23.81
C ALA A 567 20.22 22.19 -24.79
N GLN A 568 20.36 22.57 -26.05
CA GLN A 568 20.78 21.60 -27.06
C GLN A 568 22.01 20.82 -26.67
N PRO A 569 23.06 21.41 -26.14
CA PRO A 569 24.22 20.59 -25.78
C PRO A 569 23.88 19.58 -24.71
N LEU A 570 23.09 19.96 -23.74
CA LEU A 570 22.72 19.02 -22.69
C LEU A 570 21.96 17.84 -23.27
N LEU A 571 20.99 18.10 -24.13
CA LEU A 571 20.23 16.99 -24.70
C LEU A 571 21.13 16.03 -25.46
N LYS A 572 22.04 16.55 -26.28
CA LYS A 572 22.89 15.66 -27.06
C LYS A 572 23.71 14.78 -26.14
N TYR A 573 24.15 15.32 -25.02
CA TYR A 573 24.90 14.50 -24.09
C TYR A 573 24.05 13.34 -23.61
N PHE A 574 22.78 13.60 -23.32
CA PHE A 574 21.86 12.56 -22.88
C PHE A 574 21.06 11.95 -24.03
N GLN A 575 21.44 12.20 -25.28
CA GLN A 575 20.65 11.69 -26.39
C GLN A 575 20.35 10.21 -26.21
N LEU A 576 21.36 9.43 -25.83
CA LEU A 576 21.17 7.99 -25.76
C LEU A 576 20.12 7.62 -24.73
N VAL A 577 20.20 8.21 -23.52
CA VAL A 577 19.19 7.89 -22.53
C VAL A 577 17.84 8.44 -22.97
N THR A 578 17.85 9.57 -23.67
CA THR A 578 16.59 10.13 -24.15
C THR A 578 15.90 9.16 -25.08
N GLN A 579 16.62 8.65 -26.07
CA GLN A 579 16.05 7.71 -27.01
C GLN A 579 15.58 6.46 -26.30
N TRP A 580 16.42 5.91 -25.44
CA TRP A 580 16.09 4.67 -24.76
C TRP A 580 14.85 4.84 -23.89
N LEU A 581 14.82 5.90 -23.08
CA LEU A 581 13.68 6.09 -22.19
C LEU A 581 12.37 6.23 -22.95
N GLN A 582 12.38 6.96 -24.06
CA GLN A 582 11.14 7.10 -24.81
C GLN A 582 10.61 5.74 -25.24
N GLU A 583 11.50 4.85 -25.68
CA GLU A 583 11.04 3.52 -26.04
C GLU A 583 10.48 2.81 -24.82
N GLN A 584 11.17 2.91 -23.69
CA GLN A 584 10.64 2.31 -22.46
C GLN A 584 9.30 2.91 -22.11
N ASN A 585 9.16 4.22 -22.29
CA ASN A 585 7.89 4.86 -22.05
C ASN A 585 6.88 4.48 -23.12
N GLN A 586 7.32 4.42 -24.37
CA GLN A 586 6.42 4.06 -25.47
C GLN A 586 5.85 2.67 -25.26
N GLN A 587 6.69 1.70 -24.89
CA GLN A 587 6.19 0.36 -24.70
C GLN A 587 5.19 0.29 -23.55
N ASN A 588 5.39 1.10 -22.52
CA ASN A 588 4.46 1.11 -21.40
C ASN A 588 3.29 2.04 -21.64
N GLY A 589 3.30 2.81 -22.73
CA GLY A 589 2.21 3.71 -23.00
C GLY A 589 2.05 4.77 -21.94
N GLU A 590 3.15 5.20 -21.33
CA GLU A 590 3.07 6.17 -20.27
C GLU A 590 2.55 7.51 -20.76
N VAL A 591 1.79 8.17 -19.90
CA VAL A 591 1.26 9.50 -20.18
C VAL A 591 2.34 10.51 -19.78
N LEU A 592 2.99 11.09 -20.77
CA LEU A 592 3.99 12.11 -20.49
C LEU A 592 3.34 13.27 -19.75
N GLY A 593 3.96 13.68 -18.66
CA GLY A 593 3.41 14.73 -17.83
C GLY A 593 2.58 14.18 -16.69
N TRP A 594 1.67 15.01 -16.18
CA TRP A 594 0.84 14.65 -15.03
C TRP A 594 -0.47 15.40 -15.09
N PRO A 595 -1.40 14.95 -15.92
CA PRO A 595 -2.76 15.51 -15.86
C PRO A 595 -3.42 15.07 -14.57
N GLU A 596 -4.60 15.64 -14.33
CA GLU A 596 -5.35 15.32 -13.10
C GLU A 596 -4.48 15.59 -11.88
N TYR A 597 -3.68 16.66 -11.99
CA TYR A 597 -2.72 16.99 -10.94
C TYR A 597 -3.34 16.98 -9.56
N GLN A 598 -4.62 17.29 -9.44
CA GLN A 598 -5.27 17.32 -8.12
C GLN A 598 -5.62 15.91 -7.66
N TRP A 599 -4.59 15.09 -7.51
CA TRP A 599 -4.72 13.74 -7.00
C TRP A 599 -3.57 13.50 -6.04
N HIS A 600 -3.83 12.82 -4.94
CA HIS A 600 -2.75 12.52 -4.01
C HIS A 600 -3.15 11.30 -3.19
N PRO A 601 -2.18 10.65 -2.54
CA PRO A 601 -2.45 9.35 -1.92
C PRO A 601 -3.25 9.46 -0.63
N PRO A 602 -3.88 8.36 -0.22
CA PRO A 602 -4.50 8.31 1.11
C PRO A 602 -3.46 8.09 2.20
N LEU A 603 -3.84 8.43 3.42
CA LEU A 603 -2.96 8.20 4.55
C LEU A 603 -2.85 6.71 4.86
N PRO A 604 -1.73 6.28 5.47
CA PRO A 604 -1.60 4.88 5.88
C PRO A 604 -2.69 4.49 6.89
N ASP A 605 -3.07 3.22 6.82
CA ASP A 605 -4.22 2.72 7.58
C ASP A 605 -4.15 3.05 9.06
N ASN A 606 -2.97 2.98 9.66
CA ASN A 606 -2.80 3.28 11.09
C ASN A 606 -1.77 4.38 11.31
N TYR A 607 -1.76 5.36 10.44
CA TYR A 607 -0.78 6.42 10.58
C TYR A 607 -1.16 7.31 11.75
N PRO A 608 -0.23 7.68 12.62
CA PRO A 608 1.20 7.35 12.64
C PRO A 608 1.55 6.14 13.52
N GLU A 609 0.54 5.41 13.97
CA GLU A 609 0.80 4.26 14.84
C GLU A 609 1.52 3.13 14.10
N GLY A 610 1.27 2.96 12.81
CA GLY A 610 1.86 1.86 12.06
C GLY A 610 3.14 2.18 11.32
N ILE A 611 3.77 3.30 11.68
CA ILE A 611 4.90 3.81 10.91
C ILE A 611 6.16 2.94 11.02
N ASP A 612 6.28 2.11 12.05
CA ASP A 612 7.45 1.25 12.20
C ASP A 612 7.19 -0.17 11.71
N LEU A 613 6.05 -0.43 11.08
CA LEU A 613 5.71 -1.77 10.65
C LEU A 613 6.61 -2.26 9.52
N VAL A 614 6.96 -3.54 9.57
CA VAL A 614 7.79 -4.17 8.56
C VAL A 614 7.01 -4.38 7.28
N THR A 615 7.59 -3.97 6.15
CA THR A 615 6.97 -4.09 4.83
C THR A 615 7.80 -4.92 3.86
N ASP A 616 9.03 -5.29 4.22
CA ASP A 616 9.86 -6.09 3.34
C ASP A 616 9.16 -7.39 2.95
N GLU A 617 9.09 -7.64 1.64
CA GLU A 617 8.30 -8.73 1.10
C GLU A 617 9.07 -10.04 0.97
N ALA A 618 10.39 -9.99 0.89
CA ALA A 618 11.15 -11.23 0.71
C ALA A 618 11.03 -12.13 1.94
N GLU A 619 11.08 -11.55 3.13
CA GLU A 619 10.91 -12.37 4.34
C GLU A 619 9.48 -12.87 4.47
N ALA A 620 8.51 -12.06 4.06
CA ALA A 620 7.12 -12.50 4.11
C ALA A 620 6.93 -13.75 3.25
N SER A 621 7.61 -13.81 2.10
CA SER A 621 7.55 -15.01 1.29
C SER A 621 8.05 -16.21 2.06
N LYS A 622 9.22 -16.10 2.68
CA LYS A 622 9.74 -17.20 3.49
C LYS A 622 8.81 -17.50 4.65
N PHE A 623 8.27 -16.45 5.27
CA PHE A 623 7.34 -16.65 6.39
C PHE A 623 6.18 -17.55 5.97
N VAL A 624 5.60 -17.27 4.80
CA VAL A 624 4.49 -18.10 4.33
C VAL A 624 4.94 -19.53 4.12
N GLU A 625 6.18 -19.74 3.68
CA GLU A 625 6.67 -21.10 3.51
C GLU A 625 6.71 -21.85 4.83
N GLU A 626 7.34 -21.24 5.83
CA GLU A 626 7.41 -21.90 7.14
C GLU A 626 6.03 -22.08 7.73
N TYR A 627 5.15 -21.10 7.53
CA TYR A 627 3.79 -21.22 8.05
C TYR A 627 3.09 -22.45 7.50
N ASP A 628 3.11 -22.61 6.17
CA ASP A 628 2.50 -23.80 5.57
C ASP A 628 3.18 -25.06 6.09
N ARG A 629 4.50 -25.09 6.04
CA ARG A 629 5.24 -26.27 6.47
C ARG A 629 4.89 -26.64 7.90
N THR A 630 4.80 -25.64 8.79
CA THR A 630 4.46 -25.92 10.18
C THR A 630 2.96 -26.15 10.35
N SER A 631 2.14 -25.32 9.73
CA SER A 631 0.70 -25.44 9.90
C SER A 631 0.19 -26.78 9.39
N GLN A 632 0.78 -27.29 8.31
CA GLN A 632 0.36 -28.60 7.83
C GLN A 632 0.51 -29.66 8.91
N VAL A 633 1.63 -29.64 9.62
CA VAL A 633 1.84 -30.64 10.65
C VAL A 633 0.87 -30.46 11.81
N VAL A 634 0.61 -29.20 12.19
CA VAL A 634 -0.24 -28.96 13.34
C VAL A 634 -1.69 -29.31 13.03
N TRP A 635 -2.21 -28.84 11.90
CA TRP A 635 -3.60 -29.18 11.60
C TRP A 635 -3.75 -30.67 11.34
N ASN A 636 -2.78 -31.28 10.65
CA ASN A 636 -2.86 -32.71 10.45
C ASN A 636 -2.87 -33.42 11.79
N GLU A 637 -1.97 -33.00 12.68
CA GLU A 637 -1.99 -33.57 14.02
C GLU A 637 -3.35 -33.34 14.64
N TYR A 638 -3.86 -32.12 14.53
CA TYR A 638 -5.17 -31.82 15.05
C TYR A 638 -6.22 -32.71 14.39
N ALA A 639 -6.19 -32.77 13.06
CA ALA A 639 -7.18 -33.57 12.36
C ALA A 639 -7.09 -35.03 12.75
N GLU A 640 -5.86 -35.54 12.91
CA GLU A 640 -5.70 -36.95 13.26
C GLU A 640 -6.44 -37.28 14.54
N ALA A 641 -6.17 -36.53 15.61
CA ALA A 641 -6.88 -36.80 16.85
C ALA A 641 -8.35 -36.49 16.70
N ASN A 642 -8.67 -35.37 16.06
CA ASN A 642 -10.07 -35.01 15.91
C ASN A 642 -10.82 -36.10 15.20
N TRP A 643 -10.23 -36.64 14.13
CA TRP A 643 -10.87 -37.75 13.45
C TRP A 643 -10.92 -38.96 14.35
N ASN A 644 -9.80 -39.30 14.97
CA ASN A 644 -9.75 -40.48 15.81
C ASN A 644 -10.81 -40.42 16.90
N TYR A 645 -11.00 -39.24 17.51
CA TYR A 645 -11.99 -39.14 18.56
C TYR A 645 -13.40 -39.16 18.02
N ASN A 646 -13.65 -38.45 16.92
CA ASN A 646 -15.00 -38.42 16.38
C ASN A 646 -15.50 -39.82 16.05
N THR A 647 -14.61 -40.72 15.69
CA THR A 647 -14.99 -42.10 15.44
C THR A 647 -14.83 -42.97 16.68
N ASN A 648 -13.87 -42.65 17.54
CA ASN A 648 -13.56 -43.42 18.75
C ASN A 648 -13.67 -42.47 19.95
N ILE A 649 -14.89 -42.38 20.48
CA ILE A 649 -15.24 -41.51 21.58
C ILE A 649 -14.52 -41.83 22.89
N THR A 650 -13.73 -42.90 22.95
CA THR A 650 -13.04 -43.28 24.18
C THR A 650 -12.47 -42.06 24.91
N THR A 651 -12.77 -41.97 26.20
CA THR A 651 -12.45 -40.79 26.99
C THR A 651 -11.02 -40.33 26.82
N GLU A 652 -10.08 -41.26 26.76
CA GLU A 652 -8.68 -40.86 26.65
C GLU A 652 -8.41 -40.18 25.31
N THR A 653 -9.13 -40.55 24.26
CA THR A 653 -8.98 -39.82 23.01
C THR A 653 -9.34 -38.36 23.20
N SER A 654 -10.32 -38.08 24.06
CA SER A 654 -10.68 -36.69 24.35
C SER A 654 -9.52 -35.97 25.02
N LYS A 655 -8.89 -36.62 26.00
CA LYS A 655 -7.73 -36.00 26.64
C LYS A 655 -6.64 -35.73 25.62
N ILE A 656 -6.39 -36.70 24.74
CA ILE A 656 -5.39 -36.50 23.69
C ILE A 656 -5.77 -35.32 22.84
N LEU A 657 -7.05 -35.27 22.44
CA LEU A 657 -7.52 -34.18 21.59
C LEU A 657 -7.31 -32.83 22.27
N LEU A 658 -7.65 -32.73 23.54
CA LEU A 658 -7.49 -31.46 24.25
C LEU A 658 -6.06 -30.97 24.21
N GLN A 659 -5.11 -31.88 24.43
CA GLN A 659 -3.71 -31.48 24.34
C GLN A 659 -3.38 -31.00 22.94
N LYS A 660 -3.83 -31.73 21.92
CA LYS A 660 -3.65 -31.25 20.56
C LYS A 660 -4.32 -29.90 20.39
N ASN A 661 -5.44 -29.70 21.07
CA ASN A 661 -6.12 -28.41 20.99
C ASN A 661 -5.23 -27.30 21.50
N MET A 662 -4.47 -27.57 22.58
CA MET A 662 -3.53 -26.58 23.06
C MET A 662 -2.48 -26.28 22.00
N GLN A 663 -1.99 -27.30 21.32
CA GLN A 663 -0.95 -27.09 20.32
C GLN A 663 -1.42 -26.15 19.24
N ILE A 664 -2.61 -26.39 18.69
CA ILE A 664 -3.12 -25.45 17.69
C ILE A 664 -3.29 -24.08 18.33
N ALA A 665 -3.65 -24.05 19.61
CA ALA A 665 -3.71 -22.76 20.30
C ALA A 665 -2.33 -22.14 20.34
N ASN A 666 -1.32 -22.92 20.72
CA ASN A 666 0.03 -22.43 20.67
C ASN A 666 0.36 -21.92 19.29
N HIS A 667 0.11 -22.76 18.28
CA HIS A 667 0.47 -22.42 16.91
C HIS A 667 -0.29 -21.20 16.43
N THR A 668 -1.61 -21.20 16.62
CA THR A 668 -2.42 -20.08 16.15
C THR A 668 -1.90 -18.78 16.71
N LEU A 669 -1.66 -18.73 18.02
CA LEU A 669 -1.18 -17.50 18.63
C LEU A 669 0.23 -17.19 18.19
N LYS A 670 1.09 -18.21 18.13
CA LYS A 670 2.48 -17.96 17.75
C LYS A 670 2.57 -17.33 16.38
N TYR A 671 2.04 -18.01 15.36
CA TYR A 671 2.12 -17.46 14.01
C TYR A 671 1.14 -16.32 13.80
N GLY A 672 0.07 -16.24 14.58
CA GLY A 672 -0.84 -15.12 14.45
C GLY A 672 -0.20 -13.83 14.90
N THR A 673 0.47 -13.85 16.05
CA THR A 673 1.16 -12.66 16.52
C THR A 673 2.25 -12.24 15.54
N GLN A 674 2.98 -13.21 15.00
CA GLN A 674 4.00 -12.90 14.00
C GLN A 674 3.37 -12.32 12.75
N ALA A 675 2.25 -12.87 12.32
CA ALA A 675 1.57 -12.37 11.13
C ALA A 675 1.18 -10.90 11.30
N ARG A 676 0.76 -10.51 12.49
CA ARG A 676 0.34 -9.12 12.70
C ARG A 676 1.50 -8.15 12.60
N LYS A 677 2.74 -8.62 12.64
CA LYS A 677 3.87 -7.73 12.50
C LYS A 677 4.15 -7.36 11.05
N PHE A 678 3.69 -8.17 10.11
CA PHE A 678 3.77 -7.81 8.69
C PHE A 678 2.68 -6.81 8.38
N ASP A 679 3.00 -5.81 7.58
CA ASP A 679 2.03 -4.83 7.11
C ASP A 679 1.57 -5.25 5.73
N VAL A 680 0.33 -5.73 5.65
CA VAL A 680 -0.20 -6.29 4.41
C VAL A 680 -0.45 -5.23 3.34
N ASN A 681 -0.84 -4.02 3.74
CA ASN A 681 -1.28 -3.04 2.75
C ASN A 681 -0.19 -2.64 1.77
N GLN A 682 1.07 -2.89 2.09
CA GLN A 682 2.18 -2.52 1.21
C GLN A 682 2.65 -3.67 0.32
N LEU A 683 2.07 -4.86 0.47
CA LEU A 683 2.51 -6.01 -0.29
C LEU A 683 1.86 -6.01 -1.67
N GLN A 684 2.50 -6.70 -2.61
CA GLN A 684 2.00 -6.79 -3.98
C GLN A 684 1.79 -8.21 -4.48
N ASN A 685 2.38 -9.22 -3.86
CA ASN A 685 2.04 -10.59 -4.22
C ASN A 685 0.63 -10.86 -3.69
N THR A 686 -0.33 -10.97 -4.60
CA THR A 686 -1.72 -11.07 -4.18
C THR A 686 -1.95 -12.32 -3.33
N THR A 687 -1.25 -13.41 -3.67
CA THR A 687 -1.42 -14.64 -2.89
C THR A 687 -0.98 -14.42 -1.46
N ILE A 688 0.23 -13.89 -1.28
CA ILE A 688 0.73 -13.62 0.06
C ILE A 688 -0.17 -12.61 0.76
N LYS A 689 -0.69 -11.65 0.02
CA LYS A 689 -1.53 -10.61 0.62
C LYS A 689 -2.73 -11.21 1.33
N ARG A 690 -3.50 -12.03 0.64
CA ARG A 690 -4.66 -12.64 1.27
C ARG A 690 -4.25 -13.60 2.37
N ILE A 691 -3.16 -14.33 2.17
CA ILE A 691 -2.72 -15.30 3.17
C ILE A 691 -2.48 -14.62 4.50
N ILE A 692 -1.68 -13.55 4.51
CA ILE A 692 -1.34 -12.91 5.76
C ILE A 692 -2.56 -12.24 6.38
N LYS A 693 -3.40 -11.59 5.57
CA LYS A 693 -4.60 -10.97 6.12
C LYS A 693 -5.43 -11.97 6.90
N LYS A 694 -5.59 -13.18 6.35
CA LYS A 694 -6.34 -14.21 7.05
C LYS A 694 -5.66 -14.59 8.36
N VAL A 695 -4.39 -14.98 8.29
CA VAL A 695 -3.70 -15.45 9.49
C VAL A 695 -3.63 -14.37 10.55
N GLN A 696 -3.66 -13.11 10.14
CA GLN A 696 -3.59 -12.02 11.12
C GLN A 696 -4.80 -11.99 12.05
N ASP A 697 -5.92 -12.60 11.68
CA ASP A 697 -7.08 -12.63 12.56
C ASP A 697 -6.81 -13.56 13.74
N LEU A 698 -6.69 -12.96 14.92
CA LEU A 698 -6.46 -13.72 16.15
C LEU A 698 -7.74 -14.12 16.86
N GLU A 699 -8.89 -13.66 16.38
CA GLU A 699 -10.18 -14.00 16.98
C GLU A 699 -10.11 -13.91 18.50
N ARG A 700 -10.49 -14.98 19.20
CA ARG A 700 -10.48 -14.94 20.66
C ARG A 700 -9.12 -14.55 21.22
N ALA A 701 -8.04 -14.92 20.53
CA ALA A 701 -6.72 -14.67 21.09
C ALA A 701 -6.39 -13.19 21.16
N ALA A 702 -7.15 -12.33 20.50
CA ALA A 702 -6.93 -10.90 20.65
C ALA A 702 -7.38 -10.42 22.02
N LEU A 703 -8.24 -11.17 22.70
CA LEU A 703 -8.69 -10.79 24.02
C LEU A 703 -7.55 -10.92 25.03
N PRO A 704 -7.56 -10.11 26.08
CA PRO A 704 -6.62 -10.34 27.17
C PRO A 704 -6.82 -11.74 27.74
N ALA A 705 -5.72 -12.30 28.25
CA ALA A 705 -5.78 -13.67 28.77
C ALA A 705 -6.92 -13.82 29.76
N GLN A 706 -7.08 -12.86 30.65
CA GLN A 706 -8.15 -12.93 31.64
C GLN A 706 -9.51 -12.99 30.95
N GLU A 707 -9.73 -12.12 29.98
CA GLU A 707 -11.02 -12.10 29.30
C GLU A 707 -11.15 -13.26 28.32
N LEU A 708 -10.05 -13.66 27.70
CA LEU A 708 -10.11 -14.88 26.89
C LEU A 708 -10.49 -16.06 27.75
N GLU A 709 -9.88 -16.16 28.93
CA GLU A 709 -10.25 -17.20 29.87
C GLU A 709 -11.72 -17.07 30.26
N GLU A 710 -12.13 -15.84 30.57
CA GLU A 710 -13.53 -15.60 30.91
C GLU A 710 -14.43 -15.95 29.73
N TYR A 711 -13.98 -15.63 28.52
CA TYR A 711 -14.79 -15.89 27.34
C TYR A 711 -14.98 -17.39 27.12
N ASN A 712 -13.89 -18.14 27.13
CA ASN A 712 -14.00 -19.59 26.96
C ASN A 712 -14.83 -20.18 28.08
N LYS A 713 -14.64 -19.71 29.29
CA LYS A 713 -15.44 -20.16 30.43
C LYS A 713 -16.92 -19.98 30.13
N ILE A 714 -17.29 -18.80 29.64
CA ILE A 714 -18.68 -18.54 29.32
C ILE A 714 -19.16 -19.43 28.19
N LEU A 715 -18.36 -19.57 27.12
CA LEU A 715 -18.77 -20.42 26.02
C LEU A 715 -19.15 -21.81 26.50
N LEU A 716 -18.30 -22.41 27.32
CA LEU A 716 -18.58 -23.76 27.79
C LEU A 716 -19.80 -23.78 28.69
N ASP A 717 -19.99 -22.72 29.48
CA ASP A 717 -21.17 -22.68 30.35
C ASP A 717 -22.43 -22.67 29.51
N MET A 718 -22.45 -21.86 28.46
CA MET A 718 -23.58 -21.86 27.54
C MET A 718 -23.66 -23.19 26.83
N GLU A 719 -22.54 -23.63 26.25
CA GLU A 719 -22.52 -24.92 25.57
C GLU A 719 -22.98 -26.02 26.50
N THR A 720 -22.49 -26.02 27.73
CA THR A 720 -22.89 -27.05 28.68
C THR A 720 -24.38 -26.96 28.98
N THR A 721 -24.85 -25.74 29.26
CA THR A 721 -26.26 -25.56 29.58
C THR A 721 -27.13 -26.19 28.52
N TYR A 722 -26.89 -25.84 27.26
CA TYR A 722 -27.64 -26.41 26.16
C TYR A 722 -27.45 -27.92 26.10
N SER A 723 -26.24 -28.37 26.36
CA SER A 723 -25.91 -29.78 26.26
C SER A 723 -26.67 -30.67 27.24
N VAL A 724 -27.12 -30.14 28.38
CA VAL A 724 -27.77 -30.97 29.40
C VAL A 724 -29.23 -30.63 29.62
N ALA A 725 -29.77 -29.61 28.96
CA ALA A 725 -31.17 -29.26 29.15
C ALA A 725 -32.09 -30.33 28.58
N THR A 726 -33.20 -30.59 29.27
CA THR A 726 -34.20 -31.55 28.82
C THR A 726 -35.56 -31.09 29.27
N VAL A 727 -36.59 -31.58 28.58
CA VAL A 727 -37.99 -31.29 28.88
C VAL A 727 -38.59 -32.52 29.54
N CYS A 728 -39.24 -32.32 30.69
CA CYS A 728 -39.79 -33.42 31.46
C CYS A 728 -41.30 -33.30 31.62
N HIS A 729 -41.99 -34.43 31.44
CA HIS A 729 -43.42 -34.51 31.70
C HIS A 729 -43.69 -34.36 33.19
N PRO A 730 -44.95 -34.08 33.56
CA PRO A 730 -45.26 -33.95 35.00
C PRO A 730 -44.88 -35.16 35.82
N ASN A 731 -44.96 -36.36 35.24
CA ASN A 731 -44.51 -37.59 35.88
C ASN A 731 -43.00 -37.67 36.02
N GLY A 732 -42.26 -36.69 35.53
CA GLY A 732 -40.82 -36.70 35.61
C GLY A 732 -40.13 -37.34 34.44
N SER A 733 -40.87 -37.82 33.45
CA SER A 733 -40.25 -38.39 32.27
C SER A 733 -39.59 -37.26 31.48
N CYS A 734 -38.30 -37.38 31.21
CA CYS A 734 -37.52 -36.31 30.62
C CYS A 734 -37.08 -36.70 29.22
N LEU A 735 -37.34 -35.81 28.26
CA LEU A 735 -37.07 -36.04 26.85
C LEU A 735 -35.92 -35.15 26.40
N GLN A 736 -35.02 -35.71 25.61
CA GLN A 736 -33.88 -34.97 25.08
C GLN A 736 -34.21 -34.37 23.72
N LEU A 737 -33.44 -33.33 23.37
CA LEU A 737 -33.68 -32.66 22.10
C LEU A 737 -33.65 -33.63 20.95
N GLU A 738 -32.60 -34.43 20.86
CA GLU A 738 -32.49 -35.41 19.80
C GLU A 738 -32.23 -36.80 20.37
N PRO A 739 -32.77 -37.85 19.75
CA PRO A 739 -33.70 -37.79 18.61
C PRO A 739 -35.13 -37.67 19.12
N ASP A 740 -35.25 -37.79 20.43
CA ASP A 740 -36.52 -37.89 21.14
C ASP A 740 -37.48 -36.75 20.84
N LEU A 741 -37.18 -35.54 21.31
CA LEU A 741 -38.07 -34.41 21.07
C LEU A 741 -38.22 -34.13 19.58
N THR A 742 -37.17 -34.37 18.81
CA THR A 742 -37.26 -34.17 17.37
C THR A 742 -38.30 -35.09 16.77
N ASN A 743 -38.37 -36.32 17.25
CA ASN A 743 -39.39 -37.24 16.75
C ASN A 743 -40.78 -36.74 17.10
N VAL A 744 -40.95 -36.19 18.29
CA VAL A 744 -42.25 -35.62 18.66
C VAL A 744 -42.64 -34.55 17.66
N MET A 745 -41.75 -33.58 17.46
CA MET A 745 -42.04 -32.51 16.51
C MET A 745 -42.28 -33.09 15.12
N ALA A 746 -41.49 -34.09 14.74
CA ALA A 746 -41.61 -34.64 13.40
C ALA A 746 -42.86 -35.48 13.22
N THR A 747 -43.33 -36.13 14.28
CA THR A 747 -44.40 -37.11 14.13
C THR A 747 -45.73 -36.71 14.74
N SER A 748 -45.75 -35.89 15.78
CA SER A 748 -47.01 -35.57 16.43
C SER A 748 -47.88 -34.66 15.57
N ARG A 749 -49.18 -34.92 15.60
CA ARG A 749 -50.19 -34.06 14.97
C ARG A 749 -51.11 -33.49 16.03
N LYS A 750 -50.70 -33.56 17.30
CA LYS A 750 -51.49 -33.12 18.42
C LYS A 750 -51.05 -31.73 18.81
N TYR A 751 -51.95 -30.75 18.62
CA TYR A 751 -51.62 -29.38 18.97
C TYR A 751 -51.06 -29.29 20.39
N GLU A 752 -51.66 -30.02 21.32
CA GLU A 752 -51.27 -29.92 22.72
C GLU A 752 -49.84 -30.43 22.93
N ASP A 753 -49.52 -31.60 22.39
CA ASP A 753 -48.19 -32.16 22.63
C ASP A 753 -47.12 -31.36 21.91
N LEU A 754 -47.41 -30.90 20.70
CA LEU A 754 -46.44 -30.09 19.96
C LEU A 754 -46.13 -28.81 20.74
N LEU A 755 -47.16 -28.10 21.18
CA LEU A 755 -46.93 -26.89 21.95
C LEU A 755 -46.13 -27.18 23.21
N TRP A 756 -46.48 -28.27 23.92
CA TRP A 756 -45.75 -28.61 25.12
C TRP A 756 -44.28 -28.84 24.80
N ALA A 757 -43.98 -29.56 23.73
CA ALA A 757 -42.60 -29.81 23.40
C ALA A 757 -41.91 -28.51 23.01
N TRP A 758 -42.52 -27.76 22.09
CA TRP A 758 -41.93 -26.52 21.64
C TRP A 758 -41.78 -25.57 22.82
N GLU A 759 -42.86 -25.40 23.57
CA GLU A 759 -42.83 -24.50 24.72
C GLU A 759 -41.86 -24.99 25.77
N GLY A 760 -41.87 -26.29 26.04
CA GLY A 760 -41.00 -26.83 27.08
C GLY A 760 -39.53 -26.63 26.77
N TRP A 761 -39.10 -27.01 25.56
CA TRP A 761 -37.70 -26.86 25.22
C TRP A 761 -37.26 -25.41 25.37
N ARG A 762 -38.11 -24.49 24.92
CA ARG A 762 -37.79 -23.08 25.03
C ARG A 762 -37.81 -22.62 26.47
N ASP A 763 -38.61 -23.28 27.32
CA ASP A 763 -38.68 -22.86 28.71
C ASP A 763 -37.43 -23.25 29.48
N LYS A 764 -36.96 -24.48 29.32
CA LYS A 764 -35.79 -24.92 30.08
C LYS A 764 -34.50 -24.58 29.36
N ALA A 765 -34.40 -24.89 28.07
CA ALA A 765 -33.16 -24.61 27.37
C ALA A 765 -33.06 -23.13 27.02
N GLY A 766 -34.10 -22.60 26.39
CA GLY A 766 -34.07 -21.23 25.93
C GLY A 766 -33.80 -20.20 27.01
N ARG A 767 -34.69 -20.12 28.00
CA ARG A 767 -34.56 -19.08 29.01
C ARG A 767 -33.19 -19.08 29.67
N ALA A 768 -32.62 -20.26 29.90
CA ALA A 768 -31.39 -20.33 30.66
C ALA A 768 -30.24 -19.60 29.98
N ILE A 769 -30.25 -19.53 28.65
CA ILE A 769 -29.09 -18.94 27.99
C ILE A 769 -28.95 -17.47 28.30
N LEU A 770 -30.01 -16.79 28.72
CA LEU A 770 -29.83 -15.39 29.09
C LEU A 770 -28.91 -15.27 30.29
N GLN A 771 -28.61 -16.39 30.95
CA GLN A 771 -27.65 -16.38 32.05
C GLN A 771 -26.25 -16.00 31.58
N PHE A 772 -26.01 -15.90 30.28
CA PHE A 772 -24.67 -15.61 29.78
C PHE A 772 -24.63 -14.71 28.56
N TYR A 773 -25.68 -14.70 27.74
CA TYR A 773 -25.62 -14.02 26.45
C TYR A 773 -25.11 -12.58 26.52
N PRO A 774 -25.53 -11.74 27.45
CA PRO A 774 -25.12 -10.33 27.38
C PRO A 774 -23.62 -10.16 27.44
N LYS A 775 -22.97 -10.76 28.44
CA LYS A 775 -21.53 -10.65 28.53
C LYS A 775 -20.87 -11.33 27.34
N TYR A 776 -21.48 -12.42 26.87
CA TYR A 776 -20.96 -13.10 25.70
C TYR A 776 -20.86 -12.13 24.53
N VAL A 777 -21.94 -11.40 24.27
CA VAL A 777 -21.93 -10.43 23.18
C VAL A 777 -20.81 -9.42 23.40
N GLU A 778 -20.75 -8.84 24.59
CA GLU A 778 -19.73 -7.85 24.88
C GLU A 778 -18.35 -8.40 24.59
N LEU A 779 -18.11 -9.65 24.97
CA LEU A 779 -16.76 -10.19 24.84
C LEU A 779 -16.39 -10.39 23.38
N ILE A 780 -17.25 -11.06 22.61
CA ILE A 780 -16.91 -11.30 21.22
C ILE A 780 -16.82 -9.98 20.47
N ASN A 781 -17.61 -8.99 20.86
CA ASN A 781 -17.48 -7.69 20.22
C ASN A 781 -16.14 -7.06 20.56
N GLN A 782 -15.71 -7.19 21.81
CA GLN A 782 -14.39 -6.70 22.18
C GLN A 782 -13.32 -7.37 21.32
N ALA A 783 -13.41 -8.69 21.18
CA ALA A 783 -12.45 -9.41 20.35
C ALA A 783 -12.49 -8.91 18.91
N ALA A 784 -13.68 -8.77 18.35
CA ALA A 784 -13.79 -8.32 16.97
C ALA A 784 -13.12 -6.97 16.80
N ARG A 785 -13.38 -6.04 17.72
CA ARG A 785 -12.74 -4.74 17.65
C ARG A 785 -11.23 -4.88 17.73
N LEU A 786 -10.74 -5.74 18.63
CA LEU A 786 -9.31 -5.94 18.74
C LEU A 786 -8.75 -6.63 17.51
N ASN A 787 -9.60 -7.21 16.68
CA ASN A 787 -9.18 -7.79 15.42
C ASN A 787 -9.35 -6.82 14.26
N GLY A 788 -9.77 -5.59 14.54
CA GLY A 788 -9.88 -4.57 13.52
C GLY A 788 -11.25 -4.39 12.90
N TYR A 789 -12.27 -5.06 13.43
CA TYR A 789 -13.61 -4.96 12.90
C TYR A 789 -14.44 -3.99 13.76
N VAL A 790 -15.57 -3.56 13.19
CA VAL A 790 -16.46 -2.67 13.92
C VAL A 790 -17.14 -3.43 15.05
N ASP A 791 -17.50 -4.69 14.81
CA ASP A 791 -18.13 -5.54 15.80
C ASP A 791 -18.08 -6.96 15.26
N ALA A 792 -18.57 -7.91 16.06
CA ALA A 792 -18.58 -9.28 15.60
C ALA A 792 -19.38 -9.41 14.33
N GLY A 793 -20.43 -8.61 14.16
CA GLY A 793 -21.19 -8.67 12.92
C GLY A 793 -20.32 -8.32 11.74
N ASP A 794 -19.55 -7.25 11.86
CA ASP A 794 -18.61 -6.89 10.81
C ASP A 794 -17.64 -8.03 10.56
N SER A 795 -17.14 -8.63 11.64
CA SER A 795 -16.17 -9.72 11.50
C SER A 795 -16.69 -10.82 10.60
N TRP A 796 -17.88 -11.35 10.91
CA TRP A 796 -18.39 -12.46 10.10
C TRP A 796 -18.69 -11.99 8.68
N ARG A 797 -19.43 -10.90 8.55
CA ARG A 797 -19.81 -10.42 7.23
C ARG A 797 -18.60 -10.17 6.35
N SER A 798 -17.45 -9.88 6.96
CA SER A 798 -16.24 -9.64 6.17
C SER A 798 -15.80 -10.87 5.40
N MET A 799 -16.14 -12.07 5.86
CA MET A 799 -15.67 -13.26 5.18
C MET A 799 -16.25 -13.40 3.78
N TYR A 800 -17.37 -12.76 3.48
CA TYR A 800 -17.88 -12.76 2.12
C TYR A 800 -17.18 -11.73 1.24
N GLU A 801 -16.19 -11.04 1.78
CA GLU A 801 -15.34 -10.14 1.00
C GLU A 801 -16.14 -9.18 0.14
N THR A 802 -17.34 -8.78 0.59
CA THR A 802 -18.13 -7.88 -0.24
C THR A 802 -18.97 -6.95 0.64
N PRO A 803 -18.62 -5.66 0.70
CA PRO A 803 -19.32 -4.75 1.62
C PRO A 803 -20.83 -4.68 1.44
N SER A 804 -21.33 -4.82 0.22
CA SER A 804 -22.77 -4.67 -0.02
C SER A 804 -23.54 -5.93 0.26
N LEU A 805 -22.95 -6.86 1.00
CA LEU A 805 -23.57 -8.16 1.25
C LEU A 805 -25.04 -8.02 1.67
N GLU A 806 -25.30 -7.28 2.75
CA GLU A 806 -26.67 -7.20 3.26
C GLU A 806 -27.62 -6.62 2.23
N GLN A 807 -27.15 -5.66 1.44
CA GLN A 807 -28.00 -5.10 0.40
C GLN A 807 -28.28 -6.15 -0.67
N ASP A 808 -27.25 -6.89 -1.07
CA ASP A 808 -27.42 -7.94 -2.06
C ASP A 808 -28.33 -9.03 -1.52
N LEU A 809 -28.07 -9.46 -0.29
CA LEU A 809 -28.91 -10.47 0.33
C LEU A 809 -30.35 -9.99 0.40
N GLU A 810 -30.56 -8.73 0.77
CA GLU A 810 -31.90 -8.19 0.85
C GLU A 810 -32.61 -8.31 -0.49
N ARG A 811 -31.98 -7.83 -1.56
CA ARG A 811 -32.59 -7.92 -2.87
C ARG A 811 -32.85 -9.36 -3.24
N LEU A 812 -31.85 -10.22 -3.05
CA LEU A 812 -32.04 -11.62 -3.36
C LEU A 812 -33.25 -12.17 -2.62
N PHE A 813 -33.40 -11.82 -1.35
CA PHE A 813 -34.55 -12.33 -0.61
C PHE A 813 -35.86 -11.81 -1.16
N GLN A 814 -35.92 -10.52 -1.48
CA GLN A 814 -37.17 -9.97 -2.00
C GLN A 814 -37.62 -10.70 -3.24
N GLU A 815 -36.67 -11.09 -4.09
CA GLU A 815 -37.01 -11.76 -5.33
C GLU A 815 -37.62 -13.13 -5.11
N LEU A 816 -37.38 -13.75 -3.96
CA LEU A 816 -38.02 -15.01 -3.62
C LEU A 816 -39.37 -14.84 -2.96
N GLN A 817 -39.70 -13.64 -2.50
CA GLN A 817 -40.94 -13.46 -1.75
C GLN A 817 -42.16 -13.98 -2.47
N PRO A 818 -42.35 -13.74 -3.77
CA PRO A 818 -43.54 -14.27 -4.42
C PRO A 818 -43.67 -15.77 -4.26
N LEU A 819 -42.56 -16.50 -4.45
CA LEU A 819 -42.58 -17.94 -4.28
C LEU A 819 -42.84 -18.32 -2.83
N TYR A 820 -42.04 -17.78 -1.92
CA TYR A 820 -42.20 -18.12 -0.51
C TYR A 820 -43.60 -17.79 -0.01
N LEU A 821 -44.13 -16.64 -0.44
CA LEU A 821 -45.47 -16.27 -0.01
C LEU A 821 -46.50 -17.26 -0.50
N ASN A 822 -46.40 -17.69 -1.75
CA ASN A 822 -47.34 -18.68 -2.25
C ASN A 822 -47.24 -19.96 -1.44
N LEU A 823 -46.02 -20.43 -1.25
CA LEU A 823 -45.81 -21.65 -0.46
C LEU A 823 -46.33 -21.46 0.95
N HIS A 824 -45.97 -20.35 1.58
CA HIS A 824 -46.41 -20.09 2.94
C HIS A 824 -47.93 -20.21 3.04
N ALA A 825 -48.64 -19.50 2.16
CA ALA A 825 -50.09 -19.54 2.20
C ALA A 825 -50.62 -20.95 1.94
N TYR A 826 -49.99 -21.68 1.02
CA TYR A 826 -50.45 -23.03 0.72
C TYR A 826 -50.32 -23.93 1.94
N VAL A 827 -49.21 -23.85 2.64
CA VAL A 827 -49.04 -24.65 3.84
C VAL A 827 -50.09 -24.25 4.86
N ARG A 828 -50.35 -22.95 4.96
CA ARG A 828 -51.37 -22.47 5.89
C ARG A 828 -52.70 -23.17 5.63
N ARG A 829 -53.08 -23.29 4.36
CA ARG A 829 -54.32 -23.98 4.03
C ARG A 829 -54.28 -25.44 4.46
N ALA A 830 -53.13 -26.09 4.30
CA ALA A 830 -53.02 -27.48 4.74
C ALA A 830 -53.20 -27.58 6.24
N LEU A 831 -52.53 -26.69 6.98
CA LEU A 831 -52.71 -26.67 8.43
C LEU A 831 -54.16 -26.40 8.78
N HIS A 832 -54.81 -25.53 8.02
CA HIS A 832 -56.18 -25.13 8.32
C HIS A 832 -57.12 -26.31 8.45
N ARG A 833 -57.05 -27.27 7.52
CA ARG A 833 -57.99 -28.37 7.59
C ARG A 833 -57.64 -29.41 8.66
N HIS A 834 -56.41 -29.42 9.17
CA HIS A 834 -56.05 -30.37 10.21
C HIS A 834 -56.19 -29.81 11.61
N TYR A 835 -55.79 -28.56 11.84
CA TYR A 835 -55.90 -27.95 13.16
C TYR A 835 -57.13 -27.06 13.29
N GLY A 836 -57.79 -26.73 12.19
CA GLY A 836 -59.01 -25.95 12.19
C GLY A 836 -58.78 -24.46 12.38
N ALA A 837 -59.80 -23.70 12.02
CA ALA A 837 -59.75 -22.24 12.12
C ALA A 837 -59.48 -21.78 13.54
N GLN A 838 -59.90 -22.58 14.54
CA GLN A 838 -59.64 -22.21 15.92
C GLN A 838 -58.15 -22.12 16.20
N HIS A 839 -57.33 -22.71 15.34
CA HIS A 839 -55.90 -22.67 15.49
C HIS A 839 -55.18 -22.24 14.23
N ILE A 840 -55.92 -21.95 13.16
CA ILE A 840 -55.33 -21.59 11.87
C ILE A 840 -56.12 -20.43 11.29
N ASN A 841 -55.49 -19.26 11.19
CA ASN A 841 -56.10 -18.09 10.58
C ASN A 841 -55.64 -18.04 9.13
N LEU A 842 -56.58 -18.27 8.21
CA LEU A 842 -56.27 -18.26 6.80
C LEU A 842 -55.82 -16.89 6.30
N GLU A 843 -55.91 -15.86 7.15
CA GLU A 843 -55.56 -14.50 6.76
C GLU A 843 -54.39 -13.93 7.55
N GLY A 844 -53.71 -14.74 8.36
CA GLY A 844 -52.61 -14.27 9.16
C GLY A 844 -51.39 -15.16 9.09
N PRO A 845 -50.34 -14.81 9.83
CA PRO A 845 -49.15 -15.66 9.85
C PRO A 845 -49.42 -16.99 10.52
N ILE A 846 -48.51 -17.93 10.28
CA ILE A 846 -48.66 -19.30 10.75
C ILE A 846 -48.09 -19.49 12.16
N PRO A 847 -48.72 -20.29 12.99
CA PRO A 847 -48.13 -20.59 14.31
C PRO A 847 -46.83 -21.34 14.14
N ALA A 848 -45.75 -20.72 14.63
CA ALA A 848 -44.39 -21.20 14.45
C ALA A 848 -44.05 -22.54 15.08
N HIS A 849 -44.98 -23.19 15.78
CA HIS A 849 -44.69 -24.47 16.39
C HIS A 849 -45.25 -25.66 15.62
N LEU A 850 -45.91 -25.42 14.50
CA LEU A 850 -46.52 -26.49 13.73
C LEU A 850 -45.72 -26.92 12.51
N LEU A 851 -44.60 -26.25 12.22
CA LEU A 851 -43.84 -26.55 11.01
C LEU A 851 -43.06 -27.85 11.10
N GLY A 852 -43.37 -28.72 12.05
CA GLY A 852 -42.69 -29.99 12.11
C GLY A 852 -41.24 -29.94 12.53
N ASN A 853 -40.72 -28.78 12.91
CA ASN A 853 -39.33 -28.66 13.32
C ASN A 853 -39.21 -27.80 14.56
N MET A 854 -38.35 -28.23 15.47
CA MET A 854 -38.17 -27.52 16.74
C MET A 854 -37.98 -26.03 16.53
N TRP A 855 -37.33 -25.65 15.44
CA TRP A 855 -37.08 -24.26 15.12
C TRP A 855 -37.84 -23.80 13.91
N ALA A 856 -38.62 -24.68 13.29
CA ALA A 856 -39.33 -24.35 12.07
C ALA A 856 -38.38 -23.88 10.98
N GLN A 857 -37.14 -24.37 10.99
CA GLN A 857 -36.21 -23.99 9.94
C GLN A 857 -36.38 -24.85 8.70
N THR A 858 -36.97 -26.02 8.85
CA THR A 858 -37.18 -26.96 7.76
C THR A 858 -38.54 -27.59 7.93
N TRP A 859 -39.33 -27.60 6.86
CA TRP A 859 -40.71 -28.03 6.91
C TRP A 859 -40.92 -29.41 6.30
N SER A 860 -39.85 -30.08 5.88
CA SER A 860 -40.00 -31.36 5.19
C SER A 860 -40.77 -32.37 6.02
N ASN A 861 -40.82 -32.21 7.33
CA ASN A 861 -41.51 -33.19 8.15
C ASN A 861 -43.02 -33.20 7.93
N ILE A 862 -43.59 -32.13 7.40
CA ILE A 862 -45.03 -32.08 7.16
C ILE A 862 -45.40 -32.40 5.71
N TYR A 863 -44.45 -32.92 4.94
CA TYR A 863 -44.72 -33.21 3.54
C TYR A 863 -45.96 -34.07 3.38
N ASP A 864 -46.17 -35.02 4.29
CA ASP A 864 -47.34 -35.89 4.18
C ASP A 864 -48.63 -35.08 4.23
N LEU A 865 -48.66 -34.00 5.01
CA LEU A 865 -49.84 -33.17 5.10
C LEU A 865 -49.94 -32.17 3.97
N VAL A 866 -48.90 -32.05 3.15
CA VAL A 866 -48.82 -31.00 2.14
C VAL A 866 -48.68 -31.54 0.73
N VAL A 867 -48.45 -32.85 0.56
CA VAL A 867 -48.24 -33.44 -0.75
C VAL A 867 -49.32 -33.00 -1.71
N PRO A 868 -48.98 -32.49 -2.89
CA PRO A 868 -50.02 -32.03 -3.82
C PRO A 868 -50.70 -33.19 -4.52
N PHE A 869 -49.98 -34.28 -4.73
CA PHE A 869 -50.56 -35.43 -5.41
C PHE A 869 -50.14 -36.74 -4.76
N PRO A 870 -51.07 -37.50 -4.20
CA PRO A 870 -50.73 -38.85 -3.71
C PRO A 870 -50.35 -39.79 -4.85
N SER A 871 -50.09 -41.05 -4.52
CA SER A 871 -49.64 -42.04 -5.50
C SER A 871 -48.30 -41.64 -6.13
N ALA A 872 -47.51 -40.89 -5.36
CA ALA A 872 -46.23 -40.40 -5.86
C ALA A 872 -45.24 -41.51 -6.21
N PRO A 873 -45.09 -42.57 -5.42
CA PRO A 873 -44.07 -43.57 -5.74
C PRO A 873 -44.53 -44.58 -6.78
N SER A 874 -43.65 -44.85 -7.74
CA SER A 874 -43.81 -45.97 -8.65
C SER A 874 -43.18 -47.23 -8.09
N MET A 875 -42.28 -47.08 -7.11
CA MET A 875 -41.62 -48.17 -6.42
C MET A 875 -41.04 -47.61 -5.13
N ASP A 876 -40.83 -48.49 -4.16
CA ASP A 876 -40.16 -48.09 -2.93
C ASP A 876 -38.66 -48.13 -3.19
N THR A 877 -38.03 -46.95 -3.22
CA THR A 877 -36.60 -46.88 -3.49
C THR A 877 -35.78 -47.56 -2.40
N THR A 878 -36.29 -47.57 -1.17
CA THR A 878 -35.57 -48.25 -0.09
C THR A 878 -35.57 -49.75 -0.33
N GLU A 879 -36.76 -50.32 -0.54
CA GLU A 879 -36.86 -51.75 -0.83
C GLU A 879 -36.11 -52.10 -2.11
N ALA A 880 -36.14 -51.21 -3.10
CA ALA A 880 -35.44 -51.46 -4.35
C ALA A 880 -33.93 -51.54 -4.13
N MET A 881 -33.37 -50.59 -3.40
CA MET A 881 -31.95 -50.64 -3.10
C MET A 881 -31.61 -51.93 -2.40
N LEU A 882 -32.45 -52.33 -1.44
CA LEU A 882 -32.30 -53.61 -0.78
C LEU A 882 -32.43 -54.73 -1.79
N LYS A 883 -33.43 -54.66 -2.66
CA LYS A 883 -33.63 -55.68 -3.68
C LYS A 883 -32.42 -55.75 -4.61
N GLN A 884 -31.87 -54.61 -4.98
CA GLN A 884 -30.69 -54.59 -5.85
C GLN A 884 -29.40 -54.90 -5.09
N GLY A 885 -29.47 -55.16 -3.79
CA GLY A 885 -28.29 -55.51 -3.05
C GLY A 885 -27.39 -54.32 -2.77
N TRP A 886 -27.97 -53.13 -2.67
CA TRP A 886 -27.17 -51.94 -2.42
C TRP A 886 -26.54 -51.98 -1.03
N THR A 887 -25.30 -51.55 -0.96
CA THR A 887 -24.51 -51.50 0.25
C THR A 887 -23.90 -50.12 0.36
N PRO A 888 -23.47 -49.73 1.54
CA PRO A 888 -22.86 -48.40 1.67
C PRO A 888 -21.73 -48.18 0.67
N ARG A 889 -20.77 -49.10 0.59
CA ARG A 889 -19.68 -48.91 -0.37
C ARG A 889 -20.22 -48.86 -1.79
N ARG A 890 -21.17 -49.72 -2.12
CA ARG A 890 -21.71 -49.67 -3.47
C ARG A 890 -22.38 -48.33 -3.70
N MET A 891 -23.01 -47.79 -2.67
CA MET A 891 -23.64 -46.48 -2.80
C MET A 891 -22.60 -45.43 -3.13
N PHE A 892 -21.58 -45.32 -2.29
CA PHE A 892 -20.52 -44.37 -2.55
C PHE A 892 -19.78 -44.70 -3.84
N LYS A 893 -19.71 -45.97 -4.19
CA LYS A 893 -19.07 -46.32 -5.46
C LYS A 893 -19.84 -45.71 -6.61
N GLU A 894 -21.18 -45.76 -6.55
CA GLU A 894 -21.96 -45.16 -7.62
C GLU A 894 -21.67 -43.67 -7.71
N ALA A 895 -21.49 -43.02 -6.56
CA ALA A 895 -21.15 -41.61 -6.57
C ALA A 895 -19.81 -41.39 -7.26
N ASP A 896 -18.80 -42.16 -6.87
CA ASP A 896 -17.50 -42.03 -7.53
C ASP A 896 -17.64 -42.20 -9.02
N ASP A 897 -18.47 -43.15 -9.45
CA ASP A 897 -18.69 -43.33 -10.88
C ASP A 897 -19.23 -42.06 -11.49
N PHE A 898 -20.26 -41.48 -10.87
CA PHE A 898 -20.80 -40.21 -11.34
C PHE A 898 -19.69 -39.18 -11.42
N PHE A 899 -18.88 -39.09 -10.37
CA PHE A 899 -17.78 -38.14 -10.35
C PHE A 899 -16.75 -38.50 -11.42
N THR A 900 -16.53 -39.79 -11.64
CA THR A 900 -15.58 -40.20 -12.67
C THR A 900 -16.10 -39.83 -14.05
N SER A 901 -17.39 -40.01 -14.28
CA SER A 901 -17.96 -39.62 -15.56
C SER A 901 -17.81 -38.13 -15.79
N LEU A 902 -17.78 -37.37 -14.70
CA LEU A 902 -17.57 -35.94 -14.75
C LEU A 902 -16.10 -35.56 -14.83
N GLY A 903 -15.21 -36.53 -14.97
CA GLY A 903 -13.81 -36.24 -15.15
C GLY A 903 -13.10 -35.65 -13.95
N LEU A 904 -13.71 -35.66 -12.78
CA LEU A 904 -13.05 -35.11 -11.61
C LEU A 904 -12.08 -36.12 -11.01
N LEU A 905 -11.27 -35.65 -10.07
CA LEU A 905 -10.24 -36.50 -9.50
C LEU A 905 -10.86 -37.73 -8.84
N PRO A 906 -10.36 -38.92 -9.11
CA PRO A 906 -10.84 -40.10 -8.39
C PRO A 906 -10.42 -40.05 -6.94
N VAL A 907 -11.17 -40.74 -6.10
CA VAL A 907 -10.85 -40.72 -4.67
C VAL A 907 -9.54 -41.47 -4.45
N PRO A 908 -8.69 -41.04 -3.51
CA PRO A 908 -7.42 -41.73 -3.30
C PRO A 908 -7.64 -43.13 -2.78
N PRO A 909 -6.69 -44.05 -2.99
CA PRO A 909 -6.90 -45.42 -2.52
C PRO A 909 -7.08 -45.55 -1.03
N GLU A 910 -6.37 -44.75 -0.23
CA GLU A 910 -6.46 -44.90 1.22
C GLU A 910 -7.86 -44.58 1.74
N PHE A 911 -8.61 -43.79 0.99
CA PHE A 911 -9.96 -43.43 1.41
C PHE A 911 -10.79 -44.67 1.73
N TRP A 912 -10.75 -45.66 0.85
CA TRP A 912 -11.55 -46.85 1.04
C TRP A 912 -11.16 -47.65 2.27
N ASN A 913 -9.95 -47.49 2.79
CA ASN A 913 -9.56 -48.22 3.98
C ASN A 913 -9.73 -47.46 5.28
N LYS A 914 -9.83 -46.13 5.26
CA LYS A 914 -9.94 -45.38 6.50
C LYS A 914 -11.25 -44.63 6.68
N SER A 915 -12.01 -44.39 5.63
CA SER A 915 -13.33 -43.81 5.84
C SER A 915 -14.19 -44.78 6.64
N MET A 916 -15.21 -44.24 7.28
CA MET A 916 -16.13 -45.03 8.09
C MET A 916 -17.51 -44.86 7.47
N LEU A 917 -17.92 -45.85 6.69
CA LEU A 917 -19.18 -45.81 5.99
C LEU A 917 -20.29 -46.53 6.73
N GLU A 918 -19.98 -47.17 7.85
CA GLU A 918 -20.94 -47.95 8.58
C GLU A 918 -20.78 -47.73 10.08
N LYS A 919 -21.86 -47.96 10.81
CA LYS A 919 -21.78 -47.87 12.26
C LYS A 919 -20.85 -48.95 12.75
N PRO A 920 -19.79 -48.62 13.49
CA PRO A 920 -18.89 -49.65 13.97
C PRO A 920 -19.59 -50.61 14.92
N THR A 921 -19.12 -51.86 14.93
CA THR A 921 -19.68 -52.91 15.76
C THR A 921 -18.72 -53.35 16.85
N ASP A 922 -17.55 -52.72 16.95
CA ASP A 922 -16.54 -53.08 17.94
C ASP A 922 -16.73 -52.32 19.26
N GLY A 923 -17.95 -51.89 19.55
CA GLY A 923 -18.22 -51.16 20.77
C GLY A 923 -17.73 -49.74 20.80
N ARG A 924 -17.14 -49.23 19.72
CA ARG A 924 -16.76 -47.83 19.70
C ARG A 924 -17.99 -46.96 19.55
N GLU A 925 -17.95 -45.79 20.18
CA GLU A 925 -19.04 -44.83 20.08
C GLU A 925 -18.64 -43.73 19.11
N VAL A 926 -19.58 -43.34 18.26
CA VAL A 926 -19.32 -42.45 17.15
C VAL A 926 -20.17 -41.19 17.26
N VAL A 927 -19.60 -40.08 16.81
CA VAL A 927 -20.34 -38.83 16.64
C VAL A 927 -20.98 -38.94 15.26
N CYS A 928 -22.26 -39.30 15.24
CA CYS A 928 -22.91 -39.68 14.00
C CYS A 928 -23.25 -38.56 13.04
N HIS A 929 -23.00 -37.27 13.29
CA HIS A 929 -23.39 -36.32 12.27
C HIS A 929 -22.50 -36.53 11.05
N ALA A 930 -23.12 -36.87 9.92
CA ALA A 930 -22.36 -37.17 8.72
C ALA A 930 -21.57 -35.94 8.27
N SER A 931 -20.31 -36.17 7.90
CA SER A 931 -19.46 -35.08 7.47
C SER A 931 -18.25 -35.65 6.74
N ALA A 932 -17.53 -34.76 6.06
CA ALA A 932 -16.34 -35.11 5.31
C ALA A 932 -15.13 -34.46 5.97
N TRP A 933 -13.99 -35.10 5.85
CA TRP A 933 -12.81 -34.69 6.57
C TRP A 933 -11.60 -34.64 5.66
N ASP A 934 -10.81 -33.58 5.79
CA ASP A 934 -9.56 -33.41 5.07
C ASP A 934 -8.42 -33.32 6.06
N PHE A 935 -7.40 -34.14 5.87
CA PHE A 935 -6.26 -34.19 6.76
C PHE A 935 -5.11 -33.34 6.26
N TYR A 936 -5.33 -32.54 5.23
CA TYR A 936 -4.33 -31.63 4.71
C TYR A 936 -3.04 -32.32 4.29
N ASN A 937 -3.09 -33.63 4.07
CA ASN A 937 -1.90 -34.38 3.73
C ASN A 937 -1.88 -34.79 2.27
N GLY A 938 -2.74 -34.20 1.45
CA GLY A 938 -2.78 -34.46 0.02
C GLY A 938 -3.08 -35.90 -0.31
N LYS A 939 -3.28 -36.73 0.71
CA LYS A 939 -3.55 -38.15 0.53
C LYS A 939 -4.68 -38.67 1.40
N ASP A 940 -4.87 -38.12 2.60
CA ASP A 940 -5.90 -38.57 3.54
C ASP A 940 -7.14 -37.71 3.38
N PHE A 941 -8.21 -38.32 2.89
CA PHE A 941 -9.52 -37.69 2.82
C PHE A 941 -10.49 -38.77 3.24
N ARG A 942 -11.46 -38.41 4.08
CA ARG A 942 -12.33 -39.45 4.62
C ARG A 942 -13.74 -38.93 4.82
N ILE A 943 -14.69 -39.87 4.77
CA ILE A 943 -16.09 -39.62 5.00
C ILE A 943 -16.54 -40.43 6.20
N LYS A 944 -17.34 -39.81 7.06
CA LYS A 944 -17.84 -40.45 8.26
C LYS A 944 -19.36 -40.35 8.25
N GLN A 945 -20.03 -41.46 7.97
CA GLN A 945 -21.48 -41.48 7.92
C GLN A 945 -22.01 -42.81 8.46
N CYS A 946 -23.05 -42.73 9.28
CA CYS A 946 -23.74 -43.90 9.79
C CYS A 946 -24.68 -44.36 8.67
N THR A 947 -24.08 -44.88 7.61
CA THR A 947 -24.80 -45.08 6.38
C THR A 947 -25.91 -46.11 6.52
N THR A 948 -27.12 -45.71 6.12
CA THR A 948 -28.27 -46.58 5.99
C THR A 948 -28.58 -46.70 4.50
N VAL A 949 -28.86 -47.92 4.05
CA VAL A 949 -29.08 -48.13 2.63
C VAL A 949 -30.46 -47.58 2.26
N ASN A 950 -30.51 -46.30 1.93
CA ASN A 950 -31.76 -45.67 1.51
C ASN A 950 -31.46 -44.46 0.63
N LEU A 951 -32.51 -43.93 0.01
CA LEU A 951 -32.37 -42.78 -0.87
C LEU A 951 -31.82 -41.57 -0.14
N GLU A 952 -32.29 -41.34 1.08
CA GLU A 952 -31.81 -40.19 1.83
C GLU A 952 -30.30 -40.24 1.97
N ASP A 953 -29.77 -41.38 2.43
CA ASP A 953 -28.34 -41.48 2.59
C ASP A 953 -27.62 -41.45 1.24
N LEU A 954 -28.30 -41.88 0.18
CA LEU A 954 -27.70 -41.76 -1.14
C LEU A 954 -27.41 -40.31 -1.46
N VAL A 955 -28.33 -39.42 -1.08
CA VAL A 955 -28.09 -38.00 -1.29
C VAL A 955 -26.97 -37.54 -0.39
N VAL A 956 -26.99 -37.98 0.87
CA VAL A 956 -25.91 -37.62 1.78
C VAL A 956 -24.58 -38.06 1.21
N ALA A 957 -24.52 -39.28 0.70
CA ALA A 957 -23.27 -39.79 0.16
C ALA A 957 -22.74 -38.87 -0.92
N HIS A 958 -23.55 -38.57 -1.93
CA HIS A 958 -23.08 -37.68 -2.97
C HIS A 958 -22.69 -36.34 -2.38
N HIS A 959 -23.50 -35.84 -1.45
CA HIS A 959 -23.18 -34.55 -0.85
C HIS A 959 -21.83 -34.61 -0.16
N GLU A 960 -21.59 -35.66 0.62
CA GLU A 960 -20.29 -35.78 1.26
C GLU A 960 -19.22 -35.92 0.20
N MET A 961 -19.45 -36.73 -0.82
CA MET A 961 -18.46 -36.87 -1.87
C MET A 961 -18.21 -35.52 -2.52
N GLY A 962 -19.23 -34.67 -2.58
CA GLY A 962 -19.02 -33.35 -3.14
C GLY A 962 -17.95 -32.60 -2.37
N HIS A 963 -18.04 -32.63 -1.04
CA HIS A 963 -17.03 -31.97 -0.24
C HIS A 963 -15.66 -32.58 -0.52
N ILE A 964 -15.61 -33.91 -0.52
CA ILE A 964 -14.34 -34.58 -0.77
C ILE A 964 -13.78 -34.13 -2.11
N GLN A 965 -14.62 -34.12 -3.13
CA GLN A 965 -14.17 -33.66 -4.44
C GLN A 965 -13.61 -32.27 -4.34
N TYR A 966 -14.27 -31.39 -3.59
CA TYR A 966 -13.79 -30.03 -3.46
C TYR A 966 -12.43 -29.98 -2.77
N PHE A 967 -12.22 -30.80 -1.76
CA PHE A 967 -10.91 -30.85 -1.13
C PHE A 967 -9.84 -31.25 -2.13
N MET A 968 -10.08 -32.34 -2.85
CA MET A 968 -9.03 -32.90 -3.70
C MET A 968 -8.52 -31.89 -4.72
N GLN A 969 -9.40 -31.18 -5.40
CA GLN A 969 -8.92 -30.34 -6.49
C GLN A 969 -8.31 -29.02 -6.07
N TYR A 970 -8.37 -28.64 -4.79
CA TYR A 970 -7.57 -27.51 -4.35
C TYR A 970 -6.46 -27.95 -3.41
N LYS A 971 -6.19 -29.25 -3.35
CA LYS A 971 -5.10 -29.78 -2.55
C LYS A 971 -3.76 -29.14 -2.90
N ASP A 972 -3.64 -28.56 -4.08
CA ASP A 972 -2.38 -27.97 -4.52
C ASP A 972 -2.13 -26.59 -3.93
N LEU A 973 -3.13 -25.96 -3.36
CA LEU A 973 -2.91 -24.66 -2.76
C LEU A 973 -2.34 -24.83 -1.37
N PRO A 974 -1.70 -23.80 -0.83
CA PRO A 974 -1.22 -23.89 0.54
C PRO A 974 -2.40 -23.99 1.51
N VAL A 975 -2.15 -24.64 2.64
CA VAL A 975 -3.20 -24.85 3.62
C VAL A 975 -3.94 -23.55 3.90
N ALA A 976 -3.21 -22.44 3.99
CA ALA A 976 -3.83 -21.16 4.29
C ALA A 976 -4.94 -20.78 3.31
N LEU A 977 -4.95 -21.35 2.11
CA LEU A 977 -6.00 -21.07 1.13
C LEU A 977 -6.83 -22.30 0.79
N ARG A 978 -6.66 -23.40 1.51
CA ARG A 978 -7.40 -24.63 1.25
C ARG A 978 -8.82 -24.51 1.82
N GLU A 979 -9.57 -23.57 1.24
CA GLU A 979 -10.94 -23.29 1.62
C GLU A 979 -11.70 -22.93 0.37
N GLY A 980 -13.01 -22.91 0.48
CA GLY A 980 -13.82 -22.54 -0.66
C GLY A 980 -13.67 -21.07 -0.99
N ALA A 981 -14.19 -20.71 -2.17
CA ALA A 981 -14.15 -19.31 -2.57
C ALA A 981 -14.76 -18.43 -1.51
N ASN A 982 -15.78 -18.94 -0.83
CA ASN A 982 -16.38 -18.26 0.30
C ASN A 982 -17.06 -19.32 1.16
N PRO A 983 -17.47 -19.00 2.37
CA PRO A 983 -18.03 -20.04 3.21
C PRO A 983 -19.16 -20.78 2.55
N GLY A 984 -19.96 -20.10 1.73
CA GLY A 984 -21.05 -20.77 1.06
C GLY A 984 -20.57 -21.79 0.05
N PHE A 985 -19.62 -21.38 -0.78
CA PHE A 985 -19.16 -22.24 -1.87
C PHE A 985 -18.92 -23.66 -1.38
N HIS A 986 -18.22 -23.79 -0.26
CA HIS A 986 -17.86 -25.12 0.21
C HIS A 986 -19.11 -25.95 0.47
N GLU A 987 -20.07 -25.37 1.19
CA GLU A 987 -21.30 -26.09 1.44
C GLU A 987 -22.19 -26.11 0.20
N ALA A 988 -22.02 -25.14 -0.69
CA ALA A 988 -22.84 -25.10 -1.89
C ALA A 988 -22.45 -26.21 -2.86
N ILE A 989 -21.17 -26.37 -3.12
CA ILE A 989 -20.74 -27.41 -4.06
C ILE A 989 -21.31 -28.75 -3.63
N GLY A 990 -21.39 -28.97 -2.31
CA GLY A 990 -21.94 -30.21 -1.81
C GLY A 990 -23.29 -30.55 -2.38
N ASP A 991 -24.15 -29.56 -2.57
CA ASP A 991 -25.47 -29.87 -3.09
C ASP A 991 -25.47 -30.05 -4.60
N VAL A 992 -24.69 -29.24 -5.32
CA VAL A 992 -24.82 -29.23 -6.77
C VAL A 992 -24.66 -30.62 -7.33
N LEU A 993 -23.58 -31.30 -6.96
CA LEU A 993 -23.39 -32.63 -7.49
C LEU A 993 -24.43 -33.60 -6.98
N ALA A 994 -25.15 -33.24 -5.93
CA ALA A 994 -26.19 -34.12 -5.41
C ALA A 994 -27.55 -33.87 -6.01
N LEU A 995 -27.81 -32.64 -6.44
CA LEU A 995 -29.13 -32.28 -6.94
C LEU A 995 -29.66 -33.30 -7.93
N SER A 996 -28.84 -33.64 -8.93
CA SER A 996 -29.33 -34.53 -9.97
C SER A 996 -29.72 -35.88 -9.42
N VAL A 997 -29.13 -36.29 -8.30
CA VAL A 997 -29.36 -37.63 -7.79
C VAL A 997 -30.85 -37.92 -7.68
N SER A 998 -31.58 -37.03 -7.00
CA SER A 998 -32.98 -37.31 -6.70
C SER A 998 -33.93 -37.02 -7.86
N THR A 999 -33.43 -36.60 -9.01
CA THR A 999 -34.33 -36.38 -10.12
C THR A 999 -34.94 -37.71 -10.58
N PRO A 1000 -36.18 -37.69 -11.07
CA PRO A 1000 -36.78 -38.94 -11.54
C PRO A 1000 -35.91 -39.63 -12.58
N LYS A 1001 -35.30 -38.85 -13.47
CA LYS A 1001 -34.45 -39.43 -14.49
C LYS A 1001 -33.29 -40.18 -13.85
N HIS A 1002 -32.56 -39.53 -12.96
CA HIS A 1002 -31.44 -40.21 -12.31
C HIS A 1002 -31.97 -41.33 -11.43
N LEU A 1003 -33.07 -41.08 -10.71
CA LEU A 1003 -33.66 -42.13 -9.90
C LEU A 1003 -33.95 -43.36 -10.75
N HIS A 1004 -34.59 -43.15 -11.91
CA HIS A 1004 -34.92 -44.25 -12.80
C HIS A 1004 -33.67 -44.79 -13.49
N SER A 1005 -32.74 -43.92 -13.85
CA SER A 1005 -31.56 -44.37 -14.58
C SER A 1005 -30.84 -45.47 -13.83
N LEU A 1006 -30.85 -45.39 -12.50
CA LEU A 1006 -30.26 -46.42 -11.66
C LEU A 1006 -31.28 -47.49 -11.29
N ASN A 1007 -32.45 -47.47 -11.93
CA ASN A 1007 -33.54 -48.39 -11.67
C ASN A 1007 -34.02 -48.34 -10.24
N LEU A 1008 -33.75 -47.23 -9.54
CA LEU A 1008 -34.26 -47.09 -8.19
C LEU A 1008 -35.77 -47.03 -8.19
N LEU A 1009 -36.36 -46.69 -9.32
CA LEU A 1009 -37.79 -46.68 -9.54
C LEU A 1009 -38.03 -47.32 -10.89
N SER A 1010 -38.95 -48.28 -10.94
CA SER A 1010 -39.34 -48.82 -12.24
C SER A 1010 -40.18 -47.78 -12.98
N SER A 1011 -40.32 -47.99 -14.28
CA SER A 1011 -40.98 -47.00 -15.12
C SER A 1011 -42.27 -46.51 -14.46
N GLU A 1012 -42.42 -45.19 -14.45
CA GLU A 1012 -43.56 -44.52 -13.86
C GLU A 1012 -44.28 -43.75 -14.95
N GLY A 1013 -45.56 -43.46 -14.73
CA GLY A 1013 -46.28 -42.65 -15.68
C GLY A 1013 -45.64 -41.28 -15.75
N GLY A 1014 -45.38 -40.80 -16.95
CA GLY A 1014 -44.67 -39.55 -17.10
C GLY A 1014 -45.51 -38.36 -16.70
N SER A 1015 -45.95 -38.33 -15.46
CA SER A 1015 -46.75 -37.23 -14.95
C SER A 1015 -45.86 -36.11 -14.44
N ASP A 1016 -46.33 -34.88 -14.64
CA ASP A 1016 -45.66 -33.74 -14.02
C ASP A 1016 -45.84 -33.79 -12.51
N GLU A 1017 -46.96 -34.37 -12.06
CA GLU A 1017 -47.23 -34.45 -10.63
C GLU A 1017 -46.06 -35.10 -9.89
N HIS A 1018 -45.46 -36.12 -10.51
CA HIS A 1018 -44.30 -36.72 -9.87
C HIS A 1018 -43.14 -35.74 -9.89
N ASP A 1019 -43.06 -34.93 -10.94
CA ASP A 1019 -42.05 -33.88 -10.97
C ASP A 1019 -42.41 -32.83 -9.92
N ILE A 1020 -43.68 -32.41 -9.90
CA ILE A 1020 -44.14 -31.44 -8.92
C ILE A 1020 -43.93 -31.99 -7.51
N ASN A 1021 -44.29 -33.25 -7.30
CA ASN A 1021 -44.14 -33.85 -5.99
C ASN A 1021 -42.67 -33.77 -5.55
N PHE A 1022 -41.76 -34.15 -6.44
CA PHE A 1022 -40.35 -34.09 -6.11
C PHE A 1022 -39.92 -32.65 -5.87
N LEU A 1023 -40.33 -31.74 -6.76
CA LEU A 1023 -39.93 -30.34 -6.60
C LEU A 1023 -40.41 -29.76 -5.27
N MET A 1024 -41.63 -30.08 -4.86
CA MET A 1024 -42.10 -29.57 -3.58
C MET A 1024 -41.29 -30.15 -2.44
N LYS A 1025 -41.10 -31.48 -2.46
CA LYS A 1025 -40.27 -32.10 -1.44
C LYS A 1025 -38.94 -31.37 -1.34
N MET A 1026 -38.37 -31.03 -2.49
CA MET A 1026 -37.15 -30.24 -2.48
C MET A 1026 -37.40 -28.86 -1.90
N ALA A 1027 -38.42 -28.18 -2.42
CA ALA A 1027 -38.70 -26.82 -1.96
C ALA A 1027 -39.00 -26.79 -0.48
N LEU A 1028 -39.68 -27.82 0.04
CA LEU A 1028 -40.08 -27.80 1.44
C LEU A 1028 -38.89 -27.67 2.38
N ASP A 1029 -37.67 -27.88 1.90
CA ASP A 1029 -36.46 -27.56 2.65
C ASP A 1029 -35.68 -26.43 2.01
N LYS A 1030 -35.36 -26.57 0.72
CA LYS A 1030 -34.57 -25.55 0.05
C LYS A 1030 -35.15 -24.16 0.27
N ILE A 1031 -36.48 -24.04 0.20
CA ILE A 1031 -37.09 -22.73 0.29
C ILE A 1031 -37.30 -22.32 1.74
N ALA A 1032 -37.97 -23.15 2.52
CA ALA A 1032 -38.28 -22.78 3.90
C ALA A 1032 -37.01 -22.41 4.65
N PHE A 1033 -35.92 -23.11 4.37
CA PHE A 1033 -34.69 -22.89 5.09
C PHE A 1033 -34.05 -21.55 4.77
N ILE A 1034 -34.39 -20.96 3.64
CA ILE A 1034 -33.79 -19.67 3.25
C ILE A 1034 -34.11 -18.60 4.28
N PRO A 1035 -35.38 -18.24 4.47
CA PRO A 1035 -35.66 -17.12 5.38
C PRO A 1035 -35.15 -17.35 6.79
N PHE A 1036 -35.33 -18.55 7.33
CA PHE A 1036 -34.86 -18.77 8.69
C PHE A 1036 -33.37 -18.52 8.77
N SER A 1037 -32.63 -19.06 7.81
CA SER A 1037 -31.19 -18.88 7.81
C SER A 1037 -30.83 -17.41 7.70
N TYR A 1038 -31.65 -16.63 7.01
CA TYR A 1038 -31.37 -15.21 6.89
C TYR A 1038 -31.56 -14.51 8.22
N LEU A 1039 -32.68 -14.80 8.89
CA LEU A 1039 -33.04 -14.06 10.09
C LEU A 1039 -32.01 -14.20 11.20
N VAL A 1040 -31.51 -15.41 11.43
CA VAL A 1040 -30.63 -15.62 12.57
C VAL A 1040 -29.43 -14.68 12.50
N ASP A 1041 -28.71 -14.69 11.39
CA ASP A 1041 -27.50 -13.89 11.38
C ASP A 1041 -27.81 -12.40 11.33
N GLN A 1042 -28.96 -12.01 10.78
CA GLN A 1042 -29.32 -10.60 10.85
C GLN A 1042 -29.61 -10.21 12.28
N TRP A 1043 -30.37 -11.05 12.98
CA TRP A 1043 -30.67 -10.78 14.38
C TRP A 1043 -29.39 -10.63 15.16
N ARG A 1044 -28.43 -11.52 14.93
CA ARG A 1044 -27.15 -11.39 15.62
C ARG A 1044 -26.41 -10.15 15.15
N TRP A 1045 -26.43 -9.86 13.85
CA TRP A 1045 -25.69 -8.69 13.36
C TRP A 1045 -26.12 -7.44 14.10
N ARG A 1046 -27.43 -7.18 14.14
CA ARG A 1046 -27.91 -5.98 14.79
C ARG A 1046 -27.66 -6.03 16.28
N VAL A 1047 -27.56 -7.22 16.87
CA VAL A 1047 -27.17 -7.32 18.26
C VAL A 1047 -25.69 -7.02 18.41
N PHE A 1048 -24.87 -7.54 17.49
CA PHE A 1048 -23.46 -7.15 17.52
C PHE A 1048 -23.32 -5.68 17.24
N ASP A 1049 -24.23 -5.12 16.45
CA ASP A 1049 -24.26 -3.70 16.18
C ASP A 1049 -24.65 -2.89 17.41
N GLY A 1050 -25.06 -3.54 18.49
CA GLY A 1050 -25.54 -2.86 19.67
C GLY A 1050 -26.87 -2.18 19.48
N SER A 1051 -27.43 -2.22 18.28
CA SER A 1051 -28.71 -1.56 18.01
C SER A 1051 -29.88 -2.27 18.67
N ILE A 1052 -29.67 -3.51 19.12
CA ILE A 1052 -30.68 -4.31 19.78
C ILE A 1052 -30.15 -4.66 21.16
N THR A 1053 -31.02 -4.59 22.17
CA THR A 1053 -30.59 -4.89 23.53
C THR A 1053 -31.48 -5.97 24.13
N LYS A 1054 -31.00 -6.51 25.26
CA LYS A 1054 -31.71 -7.61 25.90
C LYS A 1054 -33.15 -7.26 26.21
N GLU A 1055 -33.42 -6.00 26.54
CA GLU A 1055 -34.79 -5.62 26.87
C GLU A 1055 -35.76 -5.97 25.76
N ASN A 1056 -35.27 -6.10 24.53
CA ASN A 1056 -36.12 -6.41 23.40
C ASN A 1056 -35.59 -7.54 22.52
N TYR A 1057 -34.61 -8.32 22.99
CA TYR A 1057 -34.13 -9.43 22.19
C TYR A 1057 -35.31 -10.24 21.66
N ASN A 1058 -36.22 -10.59 22.56
CA ASN A 1058 -37.36 -11.41 22.18
C ASN A 1058 -38.20 -10.71 21.12
N GLN A 1059 -38.45 -9.41 21.29
CA GLN A 1059 -39.28 -8.70 20.32
C GLN A 1059 -38.60 -8.61 18.97
N GLU A 1060 -37.29 -8.37 18.94
CA GLU A 1060 -36.62 -8.28 17.65
C GLU A 1060 -36.65 -9.63 16.96
N TRP A 1061 -36.48 -10.70 17.73
CA TRP A 1061 -36.54 -12.04 17.17
C TRP A 1061 -37.89 -12.31 16.53
N TRP A 1062 -38.95 -12.17 17.33
CA TRP A 1062 -40.27 -12.47 16.81
C TRP A 1062 -40.66 -11.48 15.73
N SER A 1063 -40.26 -10.22 15.86
CA SER A 1063 -40.58 -9.27 14.81
C SER A 1063 -39.95 -9.73 13.51
N LEU A 1064 -38.71 -10.19 13.58
CA LEU A 1064 -38.08 -10.72 12.39
C LEU A 1064 -38.73 -12.04 12.00
N ARG A 1065 -39.09 -12.85 12.98
CA ARG A 1065 -39.76 -14.11 12.65
C ARG A 1065 -41.03 -13.82 11.86
N LEU A 1066 -41.71 -12.73 12.20
CA LEU A 1066 -42.89 -12.33 11.46
C LEU A 1066 -42.53 -11.81 10.08
N LYS A 1067 -41.71 -10.77 10.03
CA LYS A 1067 -41.41 -10.15 8.74
C LYS A 1067 -40.75 -11.13 7.78
N TYR A 1068 -39.85 -11.97 8.27
CA TYR A 1068 -39.12 -12.85 7.37
C TYR A 1068 -39.70 -14.25 7.24
N GLN A 1069 -40.22 -14.84 8.30
CA GLN A 1069 -40.85 -16.14 8.16
C GLN A 1069 -42.36 -16.07 8.18
N GLY A 1070 -42.95 -14.92 8.46
CA GLY A 1070 -44.39 -14.87 8.52
C GLY A 1070 -44.86 -15.75 9.66
N LEU A 1071 -44.17 -15.68 10.79
CA LEU A 1071 -44.43 -16.52 11.93
C LEU A 1071 -44.70 -15.69 13.18
N CYS A 1072 -45.46 -16.28 14.09
CA CYS A 1072 -45.74 -15.71 15.39
C CYS A 1072 -45.68 -16.83 16.41
N PRO A 1073 -45.36 -16.51 17.66
CA PRO A 1073 -45.29 -17.55 18.68
C PRO A 1073 -46.68 -18.08 18.99
N PRO A 1074 -46.78 -19.34 19.42
CA PRO A 1074 -48.10 -19.89 19.75
C PRO A 1074 -48.74 -19.26 20.98
N VAL A 1075 -47.96 -18.67 21.87
CA VAL A 1075 -48.51 -18.07 23.08
C VAL A 1075 -47.72 -16.83 23.47
N PRO A 1076 -48.32 -15.88 24.18
CA PRO A 1076 -47.62 -14.65 24.54
C PRO A 1076 -46.39 -14.92 25.41
N ARG A 1077 -45.40 -14.04 25.29
CA ARG A 1077 -44.13 -14.17 25.98
C ARG A 1077 -43.66 -12.81 26.48
N THR A 1078 -43.11 -12.79 27.68
CA THR A 1078 -42.60 -11.59 28.34
C THR A 1078 -41.11 -11.75 28.60
N GLN A 1079 -40.52 -10.68 29.13
CA GLN A 1079 -39.10 -10.71 29.45
C GLN A 1079 -38.79 -11.80 30.47
N GLY A 1080 -37.55 -12.26 30.44
CA GLY A 1080 -37.11 -13.39 31.23
C GLY A 1080 -36.93 -14.62 30.39
N ASP A 1081 -37.47 -14.61 29.18
CA ASP A 1081 -37.32 -15.66 28.20
C ASP A 1081 -36.40 -15.16 27.09
N PHE A 1082 -35.71 -16.08 26.44
CA PHE A 1082 -34.74 -15.71 25.43
C PHE A 1082 -34.75 -16.82 24.38
N ASP A 1083 -35.86 -16.88 23.67
CA ASP A 1083 -36.12 -17.90 22.68
C ASP A 1083 -34.94 -18.19 21.75
N PRO A 1084 -34.14 -17.20 21.36
CA PRO A 1084 -33.04 -17.53 20.45
C PRO A 1084 -32.11 -18.55 21.04
N GLY A 1085 -32.04 -18.63 22.36
CA GLY A 1085 -31.23 -19.68 22.94
C GLY A 1085 -31.67 -21.06 22.53
N ALA A 1086 -32.83 -21.17 21.91
CA ALA A 1086 -33.35 -22.47 21.55
C ALA A 1086 -32.64 -23.11 20.36
N LYS A 1087 -31.84 -22.38 19.60
CA LYS A 1087 -31.17 -22.98 18.44
C LYS A 1087 -29.66 -23.06 18.65
N PHE A 1088 -29.15 -24.29 18.66
CA PHE A 1088 -27.76 -24.66 18.89
C PHE A 1088 -26.71 -23.68 18.37
N HIS A 1089 -26.77 -23.33 17.09
CA HIS A 1089 -25.72 -22.50 16.52
C HIS A 1089 -25.60 -21.15 17.19
N ILE A 1090 -26.60 -20.73 17.96
CA ILE A 1090 -26.52 -19.44 18.63
C ILE A 1090 -25.66 -19.61 19.87
N PRO A 1091 -26.05 -20.41 20.85
CA PRO A 1091 -25.16 -20.58 22.01
C PRO A 1091 -23.84 -21.18 21.61
N SER A 1092 -23.78 -21.89 20.48
CA SER A 1092 -22.52 -22.36 19.96
C SER A 1092 -21.80 -21.28 19.17
N SER A 1093 -22.42 -20.11 18.99
CA SER A 1093 -21.80 -18.97 18.35
C SER A 1093 -21.21 -19.33 16.99
N VAL A 1094 -22.03 -19.96 16.15
CA VAL A 1094 -21.63 -20.36 14.81
C VAL A 1094 -22.48 -19.59 13.81
N PRO A 1095 -21.89 -19.00 12.78
CA PRO A 1095 -22.67 -18.24 11.81
C PRO A 1095 -23.59 -19.15 11.00
N TYR A 1096 -24.63 -18.55 10.42
CA TYR A 1096 -25.59 -19.25 9.58
C TYR A 1096 -25.70 -18.74 8.16
N ILE A 1097 -25.34 -17.49 7.89
CA ILE A 1097 -25.62 -16.93 6.58
C ILE A 1097 -24.99 -17.75 5.46
N ARG A 1098 -23.95 -18.50 5.75
CA ARG A 1098 -23.36 -19.35 4.71
C ARG A 1098 -24.40 -20.25 4.10
N TYR A 1099 -25.29 -20.81 4.91
CA TYR A 1099 -26.27 -21.73 4.36
C TYR A 1099 -27.14 -21.00 3.36
N PHE A 1100 -27.50 -19.77 3.66
CA PHE A 1100 -28.30 -18.99 2.73
C PHE A 1100 -27.57 -18.84 1.41
N VAL A 1101 -26.31 -18.43 1.45
CA VAL A 1101 -25.56 -18.30 0.21
C VAL A 1101 -25.54 -19.62 -0.52
N SER A 1102 -25.33 -20.71 0.22
CA SER A 1102 -25.28 -22.02 -0.41
C SER A 1102 -26.58 -22.34 -1.15
N PHE A 1103 -27.72 -22.08 -0.51
CA PHE A 1103 -28.97 -22.42 -1.16
C PHE A 1103 -29.33 -21.47 -2.30
N ILE A 1104 -28.62 -20.36 -2.44
CA ILE A 1104 -28.85 -19.51 -3.61
C ILE A 1104 -27.90 -19.91 -4.72
N ILE A 1105 -26.59 -19.74 -4.48
CA ILE A 1105 -25.64 -19.90 -5.57
C ILE A 1105 -25.66 -21.31 -6.14
N GLN A 1106 -26.07 -22.30 -5.35
CA GLN A 1106 -26.07 -23.65 -5.90
C GLN A 1106 -26.96 -23.75 -7.14
N PHE A 1107 -28.01 -22.95 -7.21
CA PHE A 1107 -28.85 -22.99 -8.38
C PHE A 1107 -28.25 -22.27 -9.58
N GLN A 1108 -27.46 -21.22 -9.35
CA GLN A 1108 -26.76 -20.64 -10.48
C GLN A 1108 -25.81 -21.67 -11.09
N PHE A 1109 -25.11 -22.41 -10.25
CA PHE A 1109 -24.18 -23.41 -10.76
C PHE A 1109 -24.93 -24.45 -11.57
N HIS A 1110 -26.02 -24.96 -11.01
CA HIS A 1110 -26.76 -26.01 -11.70
C HIS A 1110 -27.21 -25.54 -13.08
N GLU A 1111 -27.71 -24.32 -13.17
CA GLU A 1111 -28.09 -23.81 -14.47
C GLU A 1111 -26.88 -23.75 -15.39
N ALA A 1112 -25.75 -23.26 -14.88
CA ALA A 1112 -24.56 -23.17 -15.71
C ALA A 1112 -24.14 -24.55 -16.21
N LEU A 1113 -24.19 -25.56 -15.34
CA LEU A 1113 -23.84 -26.90 -15.81
C LEU A 1113 -24.83 -27.39 -16.84
N CYS A 1114 -26.12 -27.18 -16.59
CA CYS A 1114 -27.13 -27.64 -17.54
C CYS A 1114 -26.98 -26.91 -18.86
N GLN A 1115 -26.73 -25.61 -18.80
CA GLN A 1115 -26.44 -24.86 -20.02
C GLN A 1115 -25.20 -25.42 -20.71
N ALA A 1116 -24.12 -25.60 -19.94
CA ALA A 1116 -22.90 -26.13 -20.52
C ALA A 1116 -23.10 -27.56 -21.00
N ALA A 1117 -23.84 -28.35 -20.22
CA ALA A 1117 -24.14 -29.71 -20.67
C ALA A 1117 -25.11 -29.73 -21.83
N GLY A 1118 -25.65 -28.58 -22.22
CA GLY A 1118 -26.56 -28.51 -23.34
C GLY A 1118 -28.00 -28.83 -23.01
N HIS A 1119 -28.32 -29.10 -21.75
CA HIS A 1119 -29.69 -29.41 -21.39
C HIS A 1119 -30.60 -28.21 -21.63
N THR A 1120 -31.77 -28.50 -22.16
CA THR A 1120 -32.80 -27.50 -22.40
C THR A 1120 -34.12 -28.04 -21.85
N GLY A 1121 -35.07 -27.14 -21.66
CA GLY A 1121 -36.36 -27.50 -21.11
C GLY A 1121 -36.39 -27.35 -19.60
N PRO A 1122 -37.30 -28.05 -18.94
CA PRO A 1122 -37.39 -27.94 -17.47
C PRO A 1122 -36.05 -28.21 -16.83
N LEU A 1123 -35.60 -27.25 -16.02
CA LEU A 1123 -34.27 -27.34 -15.46
C LEU A 1123 -34.12 -28.54 -14.53
N HIS A 1124 -35.20 -28.96 -13.88
CA HIS A 1124 -35.10 -30.11 -12.99
C HIS A 1124 -34.91 -31.41 -13.74
N LYS A 1125 -35.12 -31.42 -15.05
CA LYS A 1125 -34.93 -32.62 -15.85
C LYS A 1125 -33.48 -32.75 -16.33
N CYS A 1126 -32.64 -31.80 -15.98
CA CYS A 1126 -31.24 -31.82 -16.36
C CYS A 1126 -30.48 -32.92 -15.64
N ASP A 1127 -29.54 -33.55 -16.36
CA ASP A 1127 -28.70 -34.59 -15.78
C ASP A 1127 -27.27 -34.37 -16.22
N ILE A 1128 -26.43 -33.96 -15.26
CA ILE A 1128 -25.02 -33.69 -15.52
C ILE A 1128 -24.29 -34.89 -16.06
N TYR A 1129 -24.79 -36.10 -15.80
CA TYR A 1129 -24.04 -37.33 -16.01
C TYR A 1129 -23.17 -37.35 -17.26
N GLN A 1130 -21.91 -37.71 -17.07
CA GLN A 1130 -20.91 -37.92 -18.10
C GLN A 1130 -20.58 -36.67 -18.91
N SER A 1131 -21.09 -35.50 -18.53
CA SER A 1131 -20.79 -34.28 -19.27
C SER A 1131 -19.32 -33.93 -19.04
N LYS A 1132 -18.48 -34.32 -20.01
CA LYS A 1132 -17.05 -34.08 -19.89
C LYS A 1132 -16.71 -32.60 -19.78
N GLU A 1133 -17.50 -31.74 -20.41
CA GLU A 1133 -17.20 -30.31 -20.34
C GLU A 1133 -17.72 -29.68 -19.07
N ALA A 1134 -18.93 -30.05 -18.66
CA ALA A 1134 -19.50 -29.47 -17.44
C ALA A 1134 -18.56 -29.68 -16.27
N GLY A 1135 -18.01 -30.88 -16.12
CA GLY A 1135 -17.08 -31.10 -15.05
C GLY A 1135 -15.89 -30.16 -15.13
N GLN A 1136 -15.30 -30.07 -16.32
CA GLN A 1136 -14.17 -29.17 -16.50
C GLN A 1136 -14.56 -27.74 -16.16
N ARG A 1137 -15.80 -27.36 -16.47
CA ARG A 1137 -16.24 -26.02 -16.12
C ARG A 1137 -16.11 -25.80 -14.62
N LEU A 1138 -16.49 -26.79 -13.81
CA LEU A 1138 -16.30 -26.65 -12.37
C LEU A 1138 -14.84 -26.82 -11.98
N ALA A 1139 -14.14 -27.77 -12.60
CA ALA A 1139 -12.78 -28.07 -12.18
C ALA A 1139 -11.93 -26.81 -12.13
N THR A 1140 -11.92 -26.04 -13.22
CA THR A 1140 -11.12 -24.83 -13.23
C THR A 1140 -11.50 -23.89 -12.12
N ALA A 1141 -12.79 -23.83 -11.77
CA ALA A 1141 -13.22 -22.95 -10.70
C ALA A 1141 -12.75 -23.45 -9.34
N MET A 1142 -12.93 -24.74 -9.08
CA MET A 1142 -12.58 -25.26 -7.76
C MET A 1142 -11.11 -25.06 -7.46
N LYS A 1143 -10.24 -25.24 -8.45
CA LYS A 1143 -8.81 -25.11 -8.21
C LYS A 1143 -8.43 -23.76 -7.63
N LEU A 1144 -9.26 -22.73 -7.79
CA LEU A 1144 -8.92 -21.44 -7.23
C LEU A 1144 -8.97 -21.44 -5.71
N GLY A 1145 -9.68 -22.39 -5.12
CA GLY A 1145 -9.79 -22.39 -3.67
C GLY A 1145 -10.20 -21.04 -3.16
N PHE A 1146 -9.54 -20.59 -2.09
CA PHE A 1146 -9.82 -19.30 -1.49
C PHE A 1146 -8.86 -18.21 -1.97
N SER A 1147 -8.05 -18.49 -2.99
CA SER A 1147 -7.08 -17.51 -3.45
C SER A 1147 -7.71 -16.29 -4.10
N ARG A 1148 -8.96 -16.36 -4.51
CA ARG A 1148 -9.58 -15.29 -5.27
C ARG A 1148 -10.89 -14.87 -4.64
N PRO A 1149 -11.33 -13.64 -4.90
CA PRO A 1149 -12.68 -13.25 -4.48
C PRO A 1149 -13.68 -14.13 -5.21
N TRP A 1150 -14.70 -14.57 -4.50
CA TRP A 1150 -15.66 -15.48 -5.09
C TRP A 1150 -16.28 -14.96 -6.39
N PRO A 1151 -16.39 -13.64 -6.60
CA PRO A 1151 -16.94 -13.20 -7.90
C PRO A 1151 -16.17 -13.75 -9.08
N GLU A 1152 -14.86 -13.98 -8.95
CA GLU A 1152 -14.10 -14.53 -10.07
C GLU A 1152 -14.57 -15.93 -10.39
N ALA A 1153 -14.61 -16.80 -9.37
CA ALA A 1153 -15.06 -18.16 -9.60
C ALA A 1153 -16.52 -18.17 -10.03
N MET A 1154 -17.35 -17.35 -9.39
CA MET A 1154 -18.75 -17.28 -9.76
C MET A 1154 -18.88 -17.02 -11.25
N GLN A 1155 -18.12 -16.04 -11.75
CA GLN A 1155 -18.16 -15.77 -13.19
C GLN A 1155 -17.60 -16.95 -13.97
N LEU A 1156 -16.43 -17.44 -13.56
CA LEU A 1156 -15.82 -18.54 -14.29
C LEU A 1156 -16.78 -19.71 -14.42
N ILE A 1157 -17.64 -19.92 -13.43
CA ILE A 1157 -18.63 -20.98 -13.51
C ILE A 1157 -19.82 -20.55 -14.36
N THR A 1158 -20.51 -19.52 -13.92
CA THR A 1158 -21.80 -19.17 -14.49
C THR A 1158 -21.72 -18.14 -15.60
N GLY A 1159 -20.66 -17.35 -15.65
CA GLY A 1159 -20.57 -16.26 -16.59
C GLY A 1159 -21.05 -14.94 -16.04
N GLN A 1160 -21.39 -14.87 -14.76
CA GLN A 1160 -21.82 -13.64 -14.12
C GLN A 1160 -20.97 -13.42 -12.88
N PRO A 1161 -20.72 -12.18 -12.51
CA PRO A 1161 -19.92 -11.97 -11.30
C PRO A 1161 -20.76 -11.73 -10.06
N ASN A 1162 -22.07 -11.61 -10.22
CA ASN A 1162 -22.96 -11.36 -9.10
C ASN A 1162 -23.84 -12.58 -8.81
N MET A 1163 -24.33 -12.64 -7.59
CA MET A 1163 -25.28 -13.65 -7.17
C MET A 1163 -26.65 -13.29 -7.74
N SER A 1164 -27.35 -14.28 -8.32
CA SER A 1164 -28.63 -14.02 -8.95
C SER A 1164 -29.63 -15.08 -8.55
N ALA A 1165 -30.78 -14.64 -8.03
CA ALA A 1165 -31.82 -15.58 -7.63
C ALA A 1165 -32.61 -16.10 -8.81
N SER A 1166 -32.51 -15.44 -9.97
CA SER A 1166 -33.32 -15.83 -11.12
C SER A 1166 -33.18 -17.31 -11.43
N ALA A 1167 -31.98 -17.86 -11.31
CA ALA A 1167 -31.81 -19.28 -11.60
C ALA A 1167 -32.75 -20.10 -10.74
N MET A 1168 -32.82 -19.79 -9.45
CA MET A 1168 -33.68 -20.55 -8.57
C MET A 1168 -35.14 -20.34 -8.93
N LEU A 1169 -35.54 -19.10 -9.20
CA LEU A 1169 -36.93 -18.87 -9.58
C LEU A 1169 -37.26 -19.67 -10.82
N SER A 1170 -36.33 -19.77 -11.75
CA SER A 1170 -36.57 -20.57 -12.94
C SER A 1170 -36.67 -22.03 -12.58
N TYR A 1171 -35.81 -22.50 -11.69
CA TYR A 1171 -35.83 -23.90 -11.31
C TYR A 1171 -37.19 -24.29 -10.73
N PHE A 1172 -37.73 -23.46 -9.84
CA PHE A 1172 -39.01 -23.74 -9.23
C PHE A 1172 -40.19 -23.21 -10.01
N LYS A 1173 -39.96 -22.57 -11.16
CA LYS A 1173 -41.06 -21.99 -11.92
C LYS A 1173 -42.27 -22.89 -12.04
N PRO A 1174 -42.15 -24.17 -12.41
CA PRO A 1174 -43.35 -25.02 -12.51
C PRO A 1174 -44.07 -25.19 -11.19
N LEU A 1175 -43.34 -25.38 -10.09
CA LEU A 1175 -44.00 -25.55 -8.81
C LEU A 1175 -44.69 -24.26 -8.40
N LEU A 1176 -44.05 -23.12 -8.64
CA LEU A 1176 -44.69 -21.85 -8.35
C LEU A 1176 -46.04 -21.78 -9.04
N ASP A 1177 -46.05 -22.09 -10.33
CA ASP A 1177 -47.28 -22.03 -11.11
C ASP A 1177 -48.35 -22.89 -10.45
N TRP A 1178 -48.00 -24.12 -10.09
CA TRP A 1178 -48.99 -25.00 -9.48
C TRP A 1178 -49.43 -24.45 -8.14
N LEU A 1179 -48.49 -24.02 -7.31
CA LEU A 1179 -48.84 -23.49 -6.00
C LEU A 1179 -49.65 -22.21 -6.16
N ARG A 1180 -49.19 -21.33 -7.05
CA ARG A 1180 -49.92 -20.10 -7.31
C ARG A 1180 -51.34 -20.42 -7.76
N THR A 1181 -51.47 -21.38 -8.68
CA THR A 1181 -52.77 -21.82 -9.13
C THR A 1181 -53.60 -22.37 -7.98
N GLU A 1182 -53.02 -23.24 -7.17
CA GLU A 1182 -53.74 -23.80 -6.03
C GLU A 1182 -54.29 -22.70 -5.13
N ASN A 1183 -53.53 -21.62 -4.97
CA ASN A 1183 -54.01 -20.50 -4.17
C ASN A 1183 -55.31 -19.96 -4.75
N GLU A 1184 -55.39 -19.88 -6.07
CA GLU A 1184 -56.62 -19.41 -6.70
C GLU A 1184 -57.76 -20.39 -6.49
N LEU A 1185 -57.48 -21.69 -6.60
CA LEU A 1185 -58.53 -22.68 -6.40
C LEU A 1185 -59.14 -22.55 -5.02
N HIS A 1186 -58.33 -22.26 -4.02
CA HIS A 1186 -58.81 -22.03 -2.67
C HIS A 1186 -59.00 -20.55 -2.38
N GLY A 1187 -58.71 -19.68 -3.35
CA GLY A 1187 -58.85 -18.26 -3.13
C GLY A 1187 -57.98 -17.75 -2.00
N GLU A 1188 -56.90 -18.46 -1.71
CA GLU A 1188 -56.04 -18.09 -0.60
C GLU A 1188 -55.39 -16.74 -0.85
N LYS A 1189 -55.42 -15.88 0.15
CA LYS A 1189 -54.83 -14.54 0.05
C LYS A 1189 -53.43 -14.55 0.67
N LEU A 1190 -52.47 -14.11 -0.12
CA LEU A 1190 -51.07 -14.09 0.28
C LEU A 1190 -50.76 -12.98 1.28
N GLY A 1191 -49.73 -13.22 2.09
CA GLY A 1191 -49.23 -12.27 3.07
C GLY A 1191 -49.79 -12.48 4.47
N TRP A 1192 -49.40 -11.57 5.35
CA TRP A 1192 -49.79 -11.61 6.75
C TRP A 1192 -49.92 -10.20 7.30
N PRO A 1193 -50.82 -9.38 6.75
CA PRO A 1193 -50.94 -8.01 7.27
C PRO A 1193 -51.51 -7.97 8.66
N GLN A 1194 -52.34 -8.94 9.03
CA GLN A 1194 -52.99 -8.99 10.33
C GLN A 1194 -52.02 -9.68 11.31
N TYR A 1195 -51.13 -8.87 11.86
CA TYR A 1195 -49.99 -9.39 12.63
C TYR A 1195 -50.39 -10.18 13.87
N ASN A 1196 -51.42 -9.78 14.60
CA ASN A 1196 -51.68 -10.37 15.93
C ASN A 1196 -52.86 -11.34 15.96
N TRP A 1197 -52.56 -12.61 15.72
CA TRP A 1197 -53.50 -13.71 15.93
C TRP A 1197 -52.71 -14.92 16.41
N THR A 1198 -53.35 -15.78 17.19
CA THR A 1198 -52.72 -16.99 17.67
C THR A 1198 -53.80 -18.05 17.85
N PRO A 1199 -53.43 -19.33 17.89
CA PRO A 1199 -54.44 -20.39 18.04
C PRO A 1199 -55.23 -20.24 19.32
N ASN A 1200 -56.52 -20.52 19.23
CA ASN A 1200 -57.42 -20.36 20.36
C ASN A 1200 -57.22 -21.47 21.39
N SER A 1201 -57.44 -21.12 22.65
CA SER A 1201 -57.32 -22.04 23.76
C SER A 1201 -58.70 -22.54 24.18
#